data_6GQC
# 
_entry.id   6GQC 
# 
_audit_conform.dict_name       mmcif_pdbx.dic 
_audit_conform.dict_version    5.383 
_audit_conform.dict_location   http://mmcif.pdb.org/dictionaries/ascii/mmcif_pdbx.dic 
# 
loop_
_database_2.database_id 
_database_2.database_code 
_database_2.pdbx_database_accession 
_database_2.pdbx_DOI 
PDB   6GQC         pdb_00006gqc 10.2210/pdb6gqc/pdb 
WWPDB D_1200010397 ?            ?                   
# 
loop_
_pdbx_audit_revision_history.ordinal 
_pdbx_audit_revision_history.data_content_type 
_pdbx_audit_revision_history.major_revision 
_pdbx_audit_revision_history.minor_revision 
_pdbx_audit_revision_history.revision_date 
1 'Structure model' 1 0 2019-06-19 
2 'Structure model' 1 1 2019-10-02 
3 'Structure model' 1 2 2020-07-01 
4 'Structure model' 1 3 2024-01-17 
# 
_pdbx_audit_revision_details.ordinal             1 
_pdbx_audit_revision_details.revision_ordinal    1 
_pdbx_audit_revision_details.data_content_type   'Structure model' 
_pdbx_audit_revision_details.provider            repository 
_pdbx_audit_revision_details.type                'Initial release' 
_pdbx_audit_revision_details.description         ? 
_pdbx_audit_revision_details.details             ? 
# 
loop_
_pdbx_audit_revision_group.ordinal 
_pdbx_audit_revision_group.revision_ordinal 
_pdbx_audit_revision_group.data_content_type 
_pdbx_audit_revision_group.group 
1 2 'Structure model' 'Data collection'        
2 2 'Structure model' 'Derived calculations'   
3 3 'Structure model' 'Database references'    
4 4 'Structure model' 'Data collection'        
5 4 'Structure model' 'Database references'    
6 4 'Structure model' 'Derived calculations'   
7 4 'Structure model' 'Refinement description' 
# 
loop_
_pdbx_audit_revision_category.ordinal 
_pdbx_audit_revision_category.revision_ordinal 
_pdbx_audit_revision_category.data_content_type 
_pdbx_audit_revision_category.category 
1 2 'Structure model' pdbx_struct_assembly          
2 3 'Structure model' citation                      
3 3 'Structure model' citation_author               
4 4 'Structure model' chem_comp_atom                
5 4 'Structure model' chem_comp_bond                
6 4 'Structure model' database_2                    
7 4 'Structure model' pdbx_initial_refinement_model 
8 4 'Structure model' pdbx_struct_conn_angle        
9 4 'Structure model' struct_conn                   
# 
loop_
_pdbx_audit_revision_item.ordinal 
_pdbx_audit_revision_item.revision_ordinal 
_pdbx_audit_revision_item.data_content_type 
_pdbx_audit_revision_item.item 
1  2 'Structure model' '_pdbx_struct_assembly.oligomeric_count'      
2  2 'Structure model' '_pdbx_struct_assembly.oligomeric_details'    
3  3 'Structure model' '_citation.country'                           
4  3 'Structure model' '_citation.journal_abbrev'                    
5  3 'Structure model' '_citation.journal_id_ASTM'                   
6  3 'Structure model' '_citation.journal_id_CSD'                    
7  3 'Structure model' '_citation.journal_id_ISSN'                   
8  3 'Structure model' '_citation.journal_volume'                    
9  3 'Structure model' '_citation.page_first'                        
10 3 'Structure model' '_citation.page_last'                         
11 3 'Structure model' '_citation.pdbx_database_id_DOI'              
12 3 'Structure model' '_citation.pdbx_database_id_PubMed'           
13 3 'Structure model' '_citation.title'                             
14 3 'Structure model' '_citation.year'                              
15 4 'Structure model' '_database_2.pdbx_DOI'                        
16 4 'Structure model' '_database_2.pdbx_database_accession'         
17 4 'Structure model' '_pdbx_struct_conn_angle.ptnr1_auth_comp_id'  
18 4 'Structure model' '_pdbx_struct_conn_angle.ptnr1_auth_seq_id'   
19 4 'Structure model' '_pdbx_struct_conn_angle.ptnr1_label_atom_id' 
20 4 'Structure model' '_pdbx_struct_conn_angle.ptnr1_label_comp_id' 
21 4 'Structure model' '_pdbx_struct_conn_angle.ptnr1_label_seq_id'  
22 4 'Structure model' '_pdbx_struct_conn_angle.ptnr2_symmetry'      
23 4 'Structure model' '_pdbx_struct_conn_angle.ptnr3_auth_comp_id'  
24 4 'Structure model' '_pdbx_struct_conn_angle.ptnr3_auth_seq_id'   
25 4 'Structure model' '_pdbx_struct_conn_angle.ptnr3_label_atom_id' 
26 4 'Structure model' '_pdbx_struct_conn_angle.ptnr3_label_comp_id' 
27 4 'Structure model' '_pdbx_struct_conn_angle.ptnr3_label_seq_id'  
28 4 'Structure model' '_pdbx_struct_conn_angle.value'               
29 4 'Structure model' '_struct_conn.pdbx_dist_value'                
30 4 'Structure model' '_struct_conn.ptnr1_auth_comp_id'             
31 4 'Structure model' '_struct_conn.ptnr1_auth_seq_id'              
32 4 'Structure model' '_struct_conn.ptnr1_label_asym_id'            
33 4 'Structure model' '_struct_conn.ptnr1_label_atom_id'            
34 4 'Structure model' '_struct_conn.ptnr1_label_comp_id'            
35 4 'Structure model' '_struct_conn.ptnr1_label_seq_id'             
36 4 'Structure model' '_struct_conn.ptnr2_auth_comp_id'             
37 4 'Structure model' '_struct_conn.ptnr2_auth_seq_id'              
38 4 'Structure model' '_struct_conn.ptnr2_label_asym_id'            
39 4 'Structure model' '_struct_conn.ptnr2_label_atom_id'            
40 4 'Structure model' '_struct_conn.ptnr2_label_comp_id'            
41 4 'Structure model' '_struct_conn.ptnr2_symmetry'                 
# 
_pdbx_database_status.status_code                     REL 
_pdbx_database_status.status_code_sf                  REL 
_pdbx_database_status.status_code_mr                  ? 
_pdbx_database_status.entry_id                        6GQC 
_pdbx_database_status.recvd_initial_deposition_date   2018-06-07 
_pdbx_database_status.SG_entry                        N 
_pdbx_database_status.deposit_site                    PDBE 
_pdbx_database_status.process_site                    PDBE 
_pdbx_database_status.status_code_cs                  ? 
_pdbx_database_status.methods_development_category    ? 
_pdbx_database_status.pdb_format_compatible           Y 
_pdbx_database_status.status_code_nmr_data            ? 
# 
loop_
_audit_author.name 
_audit_author.pdbx_ordinal 
_audit_author.identifier_ORCID 
'Landau, M.'          1 0000-0002-1743-3430 
'Tayeb-Fligelman, E.' 2 0000-0001-9318-5400 
# 
_citation.abstract                  ? 
_citation.abstract_id_CAS           ? 
_citation.book_id_ISBN              ? 
_citation.book_publisher            ? 
_citation.book_publisher_city       ? 
_citation.book_title                ? 
_citation.coordinate_linkage        ? 
_citation.country                   UK 
_citation.database_id_Medline       ? 
_citation.details                   ? 
_citation.id                        primary 
_citation.journal_abbrev            Structure 
_citation.journal_id_ASTM           STRUE6 
_citation.journal_id_CSD            2005 
_citation.journal_id_ISSN           0969-2126 
_citation.journal_full              ? 
_citation.journal_issue             ? 
_citation.journal_volume            28 
_citation.language                  ? 
_citation.page_first                301 
_citation.page_last                 313.e6 
_citation.title                     
'Staphylococcus aureus PSM alpha 3 Cross-alpha Fibril Polymorphism and Determinants of Cytotoxicity.' 
_citation.year                      2020 
_citation.database_id_CSD           ? 
_citation.pdbx_database_id_DOI      10.1016/j.str.2019.12.006 
_citation.pdbx_database_id_PubMed   31918959 
_citation.unpublished_flag          ? 
# 
loop_
_citation_author.citation_id 
_citation_author.name 
_citation_author.ordinal 
_citation_author.identifier_ORCID 
primary 'Tayeb-Fligelman, E.' 1 ? 
primary 'Salinas, N.'         2 ? 
primary 'Tabachnikov, O.'     3 ? 
primary 'Landau, M.'          4 ? 
# 
loop_
_entity.id 
_entity.type 
_entity.src_method 
_entity.pdbx_description 
_entity.formula_weight 
_entity.pdbx_number_of_molecules 
_entity.pdbx_ec 
_entity.pdbx_mutation 
_entity.pdbx_fragment 
_entity.details 
1 polymer     syn 'Phenol-soluble modulin alpha 3 peptide' 2625.176 1 ? G16A 'PSMalpha3 full-lenght mutant (residues 1-22)' ? 
2 non-polymer syn 'SODIUM ION'                             22.990   2 ? ?    ?                                              ? 
3 non-polymer syn 'CHLORIDE ION'                           35.453   1 ? ?    ?                                              ? 
4 water       nat water                                    18.015   2 ? ?    ?                                              ? 
# 
_entity_poly.entity_id                      1 
_entity_poly.type                           'polypeptide(L)' 
_entity_poly.nstd_linkage                   no 
_entity_poly.nstd_monomer                   no 
_entity_poly.pdbx_seq_one_letter_code       MEFVAKLFKFFKDLLAKFLGNN 
_entity_poly.pdbx_seq_one_letter_code_can   MEFVAKLFKFFKDLLAKFLGNN 
_entity_poly.pdbx_strand_id                 A 
_entity_poly.pdbx_target_identifier         ? 
# 
loop_
_pdbx_entity_nonpoly.entity_id 
_pdbx_entity_nonpoly.name 
_pdbx_entity_nonpoly.comp_id 
2 'SODIUM ION'   NA  
3 'CHLORIDE ION' CL  
4 water          HOH 
# 
loop_
_entity_poly_seq.entity_id 
_entity_poly_seq.num 
_entity_poly_seq.mon_id 
_entity_poly_seq.hetero 
1 1  MET n 
1 2  GLU n 
1 3  PHE n 
1 4  VAL n 
1 5  ALA n 
1 6  LYS n 
1 7  LEU n 
1 8  PHE n 
1 9  LYS n 
1 10 PHE n 
1 11 PHE n 
1 12 LYS n 
1 13 ASP n 
1 14 LEU n 
1 15 LEU n 
1 16 ALA n 
1 17 LYS n 
1 18 PHE n 
1 19 LEU n 
1 20 GLY n 
1 21 ASN n 
1 22 ASN n 
# 
_pdbx_entity_src_syn.entity_id              1 
_pdbx_entity_src_syn.pdbx_src_id            1 
_pdbx_entity_src_syn.pdbx_alt_source_flag   sample 
_pdbx_entity_src_syn.pdbx_beg_seq_num       1 
_pdbx_entity_src_syn.pdbx_end_seq_num       22 
_pdbx_entity_src_syn.organism_scientific    ' Staphylococcus aureus subsp. aureus NCTC 8325' 
_pdbx_entity_src_syn.organism_common_name   ? 
_pdbx_entity_src_syn.ncbi_taxonomy_id       93061 
_pdbx_entity_src_syn.details                'PSMalpha3 G16A mutant, synthesized' 
# 
loop_
_chem_comp.id 
_chem_comp.type 
_chem_comp.mon_nstd_flag 
_chem_comp.name 
_chem_comp.pdbx_synonyms 
_chem_comp.formula 
_chem_comp.formula_weight 
ALA 'L-peptide linking' y ALANINE         ? 'C3 H7 N O2'     89.093  
ASN 'L-peptide linking' y ASPARAGINE      ? 'C4 H8 N2 O3'    132.118 
ASP 'L-peptide linking' y 'ASPARTIC ACID' ? 'C4 H7 N O4'     133.103 
CL  non-polymer         . 'CHLORIDE ION'  ? 'Cl -1'          35.453  
GLU 'L-peptide linking' y 'GLUTAMIC ACID' ? 'C5 H9 N O4'     147.129 
GLY 'peptide linking'   y GLYCINE         ? 'C2 H5 N O2'     75.067  
HOH non-polymer         . WATER           ? 'H2 O'           18.015  
LEU 'L-peptide linking' y LEUCINE         ? 'C6 H13 N O2'    131.173 
LYS 'L-peptide linking' y LYSINE          ? 'C6 H15 N2 O2 1' 147.195 
MET 'L-peptide linking' y METHIONINE      ? 'C5 H11 N O2 S'  149.211 
NA  non-polymer         . 'SODIUM ION'    ? 'Na 1'           22.990  
PHE 'L-peptide linking' y PHENYLALANINE   ? 'C9 H11 N O2'    165.189 
VAL 'L-peptide linking' y VALINE          ? 'C5 H11 N O2'    117.146 
# 
loop_
_pdbx_poly_seq_scheme.asym_id 
_pdbx_poly_seq_scheme.entity_id 
_pdbx_poly_seq_scheme.seq_id 
_pdbx_poly_seq_scheme.mon_id 
_pdbx_poly_seq_scheme.ndb_seq_num 
_pdbx_poly_seq_scheme.pdb_seq_num 
_pdbx_poly_seq_scheme.auth_seq_num 
_pdbx_poly_seq_scheme.pdb_mon_id 
_pdbx_poly_seq_scheme.auth_mon_id 
_pdbx_poly_seq_scheme.pdb_strand_id 
_pdbx_poly_seq_scheme.pdb_ins_code 
_pdbx_poly_seq_scheme.hetero 
A 1 1  MET 1  1  1  MET MET A . n 
A 1 2  GLU 2  2  2  GLU GLU A . n 
A 1 3  PHE 3  3  3  PHE PHE A . n 
A 1 4  VAL 4  4  4  VAL VAL A . n 
A 1 5  ALA 5  5  5  ALA ALA A . n 
A 1 6  LYS 6  6  6  LYS LYS A . n 
A 1 7  LEU 7  7  7  LEU LEU A . n 
A 1 8  PHE 8  8  8  PHE PHE A . n 
A 1 9  LYS 9  9  9  LYS LYS A . n 
A 1 10 PHE 10 10 10 PHE PHE A . n 
A 1 11 PHE 11 11 11 PHE PHE A . n 
A 1 12 LYS 12 12 12 LYS LYS A . n 
A 1 13 ASP 13 13 13 ASP ASP A . n 
A 1 14 LEU 14 14 14 LEU LEU A . n 
A 1 15 LEU 15 15 15 LEU LEU A . n 
A 1 16 ALA 16 16 16 ALA ALA A . n 
A 1 17 LYS 17 17 17 LYS LYS A . n 
A 1 18 PHE 18 18 18 PHE PHE A . n 
A 1 19 LEU 19 19 19 LEU LEU A . n 
A 1 20 GLY 20 20 20 GLY GLY A . n 
A 1 21 ASN 21 21 21 ASN ASN A . n 
A 1 22 ASN 22 22 22 ASN ASN A . n 
# 
loop_
_pdbx_nonpoly_scheme.asym_id 
_pdbx_nonpoly_scheme.entity_id 
_pdbx_nonpoly_scheme.mon_id 
_pdbx_nonpoly_scheme.ndb_seq_num 
_pdbx_nonpoly_scheme.pdb_seq_num 
_pdbx_nonpoly_scheme.auth_seq_num 
_pdbx_nonpoly_scheme.pdb_mon_id 
_pdbx_nonpoly_scheme.auth_mon_id 
_pdbx_nonpoly_scheme.pdb_strand_id 
_pdbx_nonpoly_scheme.pdb_ins_code 
B 2 NA  1 101 1 NA  NA  A . 
C 2 NA  1 102 2 NA  NA  A . 
D 3 CL  1 103 1 CL  CL  A . 
E 4 HOH 1 201 3 HOH HOH A . 
E 4 HOH 2 202 2 HOH HOH A . 
# 
loop_
_software.citation_id 
_software.classification 
_software.compiler_name 
_software.compiler_version 
_software.contact_author 
_software.contact_author_email 
_software.date 
_software.description 
_software.dependencies 
_software.hardware 
_software.language 
_software.location 
_software.mods 
_software.name 
_software.os 
_software.os_version 
_software.type 
_software.version 
_software.pdbx_ordinal 
? refinement        ? ? ?                 ?                                       ?              ? ? ? ?   ? ? REFMAC      ? ? ? . 
1 
? 'data reduction'  ? ? 'Wolfgang Kabsch' Wolfgang.Kabsch@mpimf-heidelberg.mpg.de ?              ? ? ? ?   
http://www.mpimf-heidelberg.mpg.de/~kabsch/xds/                             ? XDS         ? ? package .    2 
? 'data scaling'    ? ? 'Wolfgang Kabsch' ?                                       ?              ? ? ? ?   
http://www.mpimf-heidelberg.mpg.de/~kabsch/xds/html_doc/xscale_program.html ? XSCALE      ? ? package .    3 
? phasing           ? ? 'Randy J. Read'   cimr-phaser@lists.cam.ac.uk             ?              ? ? ? ?   
http://www-structmed.cimr.cam.ac.uk/phaser/                                 ? PHASER      ? ? program .    4 
? 'data extraction' ? ? PDB               deposit@deposit.rcsb.org                'Sep. 1, 2017' ? ? ? C++ 
http://sw-tools.pdb.org/apps/PDB_EXTRACT/                                   ? PDB_EXTRACT ? ? package 3.24 5 
# 
_cell.angle_alpha                  90.000 
_cell.angle_alpha_esd              ? 
_cell.angle_beta                   111.910 
_cell.angle_beta_esd               ? 
_cell.angle_gamma                  90.000 
_cell.angle_gamma_esd              ? 
_cell.entry_id                     6GQC 
_cell.details                      ? 
_cell.formula_units_Z              ? 
_cell.length_a                     53.270 
_cell.length_a_esd                 ? 
_cell.length_b                     13.300 
_cell.length_b_esd                 ? 
_cell.length_c                     25.800 
_cell.length_c_esd                 ? 
_cell.volume                       ? 
_cell.volume_esd                   ? 
_cell.Z_PDB                        4 
_cell.reciprocal_angle_alpha       ? 
_cell.reciprocal_angle_beta        ? 
_cell.reciprocal_angle_gamma       ? 
_cell.reciprocal_angle_alpha_esd   ? 
_cell.reciprocal_angle_beta_esd    ? 
_cell.reciprocal_angle_gamma_esd   ? 
_cell.reciprocal_length_a          ? 
_cell.reciprocal_length_b          ? 
_cell.reciprocal_length_c          ? 
_cell.reciprocal_length_a_esd      ? 
_cell.reciprocal_length_b_esd      ? 
_cell.reciprocal_length_c_esd      ? 
_cell.pdbx_unique_axis             ? 
# 
_symmetry.entry_id                         6GQC 
_symmetry.cell_setting                     ? 
_symmetry.Int_Tables_number                5 
_symmetry.space_group_name_Hall            ? 
_symmetry.space_group_name_H-M             'C 1 2 1' 
_symmetry.pdbx_full_space_group_name_H-M   ? 
# 
_exptl.absorpt_coefficient_mu     ? 
_exptl.absorpt_correction_T_max   ? 
_exptl.absorpt_correction_T_min   ? 
_exptl.absorpt_correction_type    ? 
_exptl.absorpt_process_details    ? 
_exptl.entry_id                   6GQC 
_exptl.crystals_number            1 
_exptl.details                    ? 
_exptl.method                     'X-RAY DIFFRACTION' 
_exptl.method_details             ? 
# 
_exptl_crystal.colour                      ? 
_exptl_crystal.density_diffrn              ? 
_exptl_crystal.density_Matthews            1.62 
_exptl_crystal.density_method              ? 
_exptl_crystal.density_percent_sol         23.84 
_exptl_crystal.description                 ? 
_exptl_crystal.F_000                       ? 
_exptl_crystal.id                          1 
_exptl_crystal.preparation                 ? 
_exptl_crystal.size_max                    ? 
_exptl_crystal.size_mid                    ? 
_exptl_crystal.size_min                    ? 
_exptl_crystal.size_rad                    ? 
_exptl_crystal.colour_lustre               ? 
_exptl_crystal.colour_modifier             ? 
_exptl_crystal.colour_primary              ? 
_exptl_crystal.density_meas                ? 
_exptl_crystal.density_meas_esd            ? 
_exptl_crystal.density_meas_gt             ? 
_exptl_crystal.density_meas_lt             ? 
_exptl_crystal.density_meas_temp           ? 
_exptl_crystal.density_meas_temp_esd       ? 
_exptl_crystal.density_meas_temp_gt        ? 
_exptl_crystal.density_meas_temp_lt        ? 
_exptl_crystal.pdbx_crystal_image_url      ? 
_exptl_crystal.pdbx_crystal_image_format   ? 
_exptl_crystal.pdbx_mosaicity              ? 
_exptl_crystal.pdbx_mosaicity_esd          ? 
# 
_exptl_crystal_grow.apparatus       ? 
_exptl_crystal_grow.atmosphere      ? 
_exptl_crystal_grow.crystal_id      1 
_exptl_crystal_grow.details         ? 
_exptl_crystal_grow.method          'VAPOR DIFFUSION, HANGING DROP' 
_exptl_crystal_grow.method_ref      ? 
_exptl_crystal_grow.pH              ? 
_exptl_crystal_grow.pressure        ? 
_exptl_crystal_grow.pressure_esd    ? 
_exptl_crystal_grow.seeding         ? 
_exptl_crystal_grow.seeding_ref     ? 
_exptl_crystal_grow.temp            293 
_exptl_crystal_grow.temp_details    ? 
_exptl_crystal_grow.temp_esd        ? 
_exptl_crystal_grow.time            ? 
_exptl_crystal_grow.pdbx_details    
;Reservoir contained 0.1 M sodium acetate pH 4.6, 0.01 M Cobalt chloride, 1.0 M 1,6-Hexanediol  with cryo protection of 20% ethylene glycol
;
_exptl_crystal_grow.pdbx_pH_range   ? 
# 
_diffrn.ambient_environment              ? 
_diffrn.ambient_temp                     100 
_diffrn.ambient_temp_details             ? 
_diffrn.ambient_temp_esd                 ? 
_diffrn.crystal_id                       1 
_diffrn.crystal_support                  ? 
_diffrn.crystal_treatment                ? 
_diffrn.details                          ? 
_diffrn.id                               1 
_diffrn.ambient_pressure                 ? 
_diffrn.ambient_pressure_esd             ? 
_diffrn.ambient_pressure_gt              ? 
_diffrn.ambient_pressure_lt              ? 
_diffrn.ambient_temp_gt                  ? 
_diffrn.ambient_temp_lt                  ? 
_diffrn.pdbx_serial_crystal_experiment   ? 
# 
_diffrn_detector.details                      ? 
_diffrn_detector.detector                     PIXEL 
_diffrn_detector.diffrn_id                    1 
_diffrn_detector.type                         'DECTRIS PILATUS3 2M' 
_diffrn_detector.area_resol_mean              ? 
_diffrn_detector.dtime                        ? 
_diffrn_detector.pdbx_frames_total            ? 
_diffrn_detector.pdbx_collection_time_total   ? 
_diffrn_detector.pdbx_collection_date         2016-09-17 
# 
_diffrn_radiation.collimation                      ? 
_diffrn_radiation.diffrn_id                        1 
_diffrn_radiation.filter_edge                      ? 
_diffrn_radiation.inhomogeneity                    ? 
_diffrn_radiation.monochromator                    ? 
_diffrn_radiation.polarisn_norm                    ? 
_diffrn_radiation.polarisn_ratio                   ? 
_diffrn_radiation.probe                            ? 
_diffrn_radiation.type                             ? 
_diffrn_radiation.xray_symbol                      ? 
_diffrn_radiation.wavelength_id                    1 
_diffrn_radiation.pdbx_monochromatic_or_laue_m_l   M 
_diffrn_radiation.pdbx_wavelength_list             ? 
_diffrn_radiation.pdbx_wavelength                  ? 
_diffrn_radiation.pdbx_diffrn_protocol             'SINGLE WAVELENGTH' 
_diffrn_radiation.pdbx_analyzer                    ? 
_diffrn_radiation.pdbx_scattering_type             x-ray 
# 
_diffrn_radiation_wavelength.id           1 
_diffrn_radiation_wavelength.wavelength   0.8729 
_diffrn_radiation_wavelength.wt           1.0 
# 
_diffrn_source.current                     ? 
_diffrn_source.details                     ? 
_diffrn_source.diffrn_id                   1 
_diffrn_source.power                       ? 
_diffrn_source.size                        ? 
_diffrn_source.source                      SYNCHROTRON 
_diffrn_source.target                      ? 
_diffrn_source.type                        'ESRF BEAMLINE ID23-2' 
_diffrn_source.voltage                     ? 
_diffrn_source.take-off_angle              ? 
_diffrn_source.pdbx_wavelength_list        0.8729 
_diffrn_source.pdbx_wavelength             ? 
_diffrn_source.pdbx_synchrotron_beamline   ID23-2 
_diffrn_source.pdbx_synchrotron_site       ESRF 
# 
_reflns.B_iso_Wilson_estimate            22.139 
_reflns.entry_id                         6GQC 
_reflns.data_reduction_details           ? 
_reflns.data_reduction_method            ? 
_reflns.d_resolution_high                1.400 
_reflns.d_resolution_low                 14.670 
_reflns.details                          ? 
_reflns.limit_h_max                      ? 
_reflns.limit_h_min                      ? 
_reflns.limit_k_max                      ? 
_reflns.limit_k_min                      ? 
_reflns.limit_l_max                      ? 
_reflns.limit_l_min                      ? 
_reflns.number_all                       ? 
_reflns.number_obs                       3478 
_reflns.observed_criterion               ? 
_reflns.observed_criterion_F_max         ? 
_reflns.observed_criterion_F_min         ? 
_reflns.observed_criterion_I_max         ? 
_reflns.observed_criterion_I_min         ? 
_reflns.observed_criterion_sigma_F       ? 
_reflns.observed_criterion_sigma_I       ? 
_reflns.percent_possible_obs             99.000 
_reflns.R_free_details                   ? 
_reflns.Rmerge_F_all                     ? 
_reflns.Rmerge_F_obs                     ? 
_reflns.Friedel_coverage                 ? 
_reflns.number_gt                        ? 
_reflns.threshold_expression             ? 
_reflns.pdbx_redundancy                  6.302 
_reflns.pdbx_Rmerge_I_obs                0.124 
_reflns.pdbx_Rmerge_I_all                ? 
_reflns.pdbx_Rsym_value                  ? 
_reflns.pdbx_netI_over_av_sigmaI         ? 
_reflns.pdbx_netI_over_sigmaI            8.130 
_reflns.pdbx_res_netI_over_av_sigmaI_2   ? 
_reflns.pdbx_res_netI_over_sigmaI_2      ? 
_reflns.pdbx_chi_squared                 0.884 
_reflns.pdbx_scaling_rejects             ? 
_reflns.pdbx_d_res_high_opt              ? 
_reflns.pdbx_d_res_low_opt               ? 
_reflns.pdbx_d_res_opt_method            ? 
_reflns.phase_calculation_details        ? 
_reflns.pdbx_Rrim_I_all                  0.135 
_reflns.pdbx_Rpim_I_all                  ? 
_reflns.pdbx_d_opt                       ? 
_reflns.pdbx_number_measured_all         ? 
_reflns.pdbx_diffrn_id                   1 
_reflns.pdbx_ordinal                     1 
_reflns.pdbx_CC_half                     0.994 
_reflns.pdbx_R_split                     ? 
# 
loop_
_reflns_shell.d_res_high 
_reflns_shell.d_res_low 
_reflns_shell.meanI_over_sigI_all 
_reflns_shell.meanI_over_sigI_obs 
_reflns_shell.number_measured_all 
_reflns_shell.number_measured_obs 
_reflns_shell.number_possible 
_reflns_shell.number_unique_all 
_reflns_shell.number_unique_obs 
_reflns_shell.percent_possible_all 
_reflns_shell.percent_possible_obs 
_reflns_shell.Rmerge_F_all 
_reflns_shell.Rmerge_F_obs 
_reflns_shell.Rmerge_I_all 
_reflns_shell.Rmerge_I_obs 
_reflns_shell.meanI_over_sigI_gt 
_reflns_shell.meanI_over_uI_all 
_reflns_shell.meanI_over_uI_gt 
_reflns_shell.number_measured_gt 
_reflns_shell.number_unique_gt 
_reflns_shell.percent_possible_gt 
_reflns_shell.Rmerge_F_gt 
_reflns_shell.Rmerge_I_gt 
_reflns_shell.pdbx_redundancy 
_reflns_shell.pdbx_Rsym_value 
_reflns_shell.pdbx_chi_squared 
_reflns_shell.pdbx_netI_over_sigmaI_all 
_reflns_shell.pdbx_netI_over_sigmaI_obs 
_reflns_shell.pdbx_Rrim_I_all 
_reflns_shell.pdbx_Rpim_I_all 
_reflns_shell.pdbx_rejects 
_reflns_shell.pdbx_ordinal 
_reflns_shell.pdbx_diffrn_id 
_reflns_shell.pdbx_CC_half 
_reflns_shell.pdbx_R_split 
1.400 1.440  ? 2.280  ? ? ? ? 267 100.000 ? ? ? ? 0.754 ? ? ? ? ? ? ? ? 6.131 ? ? ? ? 0.822 ? ? 1  1 0.849 ? 
1.440 1.480  ? 2.670  ? ? ? ? 244 94.900  ? ? ? ? 0.690 ? ? ? ? ? ? ? ? 6.115 ? ? ? ? 0.753 ? ? 2  1 0.821 ? 
1.480 1.520  ? 3.300  ? ? ? ? 242 100.000 ? ? ? ? 0.468 ? ? ? ? ? ? ? ? 6.083 ? ? ? ? 0.513 ? ? 3  1 0.965 ? 
1.520 1.570  ? 4.140  ? ? ? ? 208 100.000 ? ? ? ? 0.418 ? ? ? ? ? ? ? ? 6.596 ? ? ? ? 0.455 ? ? 4  1 0.957 ? 
1.570 1.620  ? 4.290  ? ? ? ? 245 99.200  ? ? ? ? 0.410 ? ? ? ? ? ? ? ? 6.184 ? ? ? ? 0.448 ? ? 5  1 0.936 ? 
1.620 1.670  ? 5.290  ? ? ? ? 215 98.200  ? ? ? ? 0.333 ? ? ? ? ? ? ? ? 6.530 ? ? ? ? 0.362 ? ? 6  1 0.964 ? 
1.670 1.740  ? 6.160  ? ? ? ? 196 99.500  ? ? ? ? 0.273 ? ? ? ? ? ? ? ? 6.857 ? ? ? ? 0.296 ? ? 7  1 0.970 ? 
1.740 1.810  ? 7.080  ? ? ? ? 204 100.000 ? ? ? ? 0.230 ? ? ? ? ? ? ? ? 6.637 ? ? ? ? 0.250 ? ? 8  1 0.975 ? 
1.810 1.890  ? 7.730  ? ? ? ? 203 100.000 ? ? ? ? 0.195 ? ? ? ? ? ? ? ? 6.414 ? ? ? ? 0.212 ? ? 9  1 0.986 ? 
1.890 1.980  ? 9.000  ? ? ? ? 195 98.500  ? ? ? ? 0.179 ? ? ? ? ? ? ? ? 6.415 ? ? ? ? 0.195 ? ? 10 1 0.976 ? 
1.980 2.090  ? 11.020 ? ? ? ? 175 99.400  ? ? ? ? 0.131 ? ? ? ? ? ? ? ? 6.063 ? ? ? ? 0.144 ? ? 11 1 0.982 ? 
2.090 2.210  ? 12.100 ? ? ? ? 180 98.900  ? ? ? ? 0.126 ? ? ? ? ? ? ? ? 6.439 ? ? ? ? 0.137 ? ? 12 1 0.987 ? 
2.210 2.370  ? 12.490 ? ? ? ? 150 98.700  ? ? ? ? 0.122 ? ? ? ? ? ? ? ? 6.053 ? ? ? ? 0.134 ? ? 13 1 0.979 ? 
2.370 2.560  ? 13.860 ? ? ? ? 154 100.000 ? ? ? ? 0.122 ? ? ? ? ? ? ? ? 6.532 ? ? ? ? 0.132 ? ? 14 1 0.984 ? 
2.560 2.800  ? 14.690 ? ? ? ? 134 98.500  ? ? ? ? 0.115 ? ? ? ? ? ? ? ? 6.545 ? ? ? ? 0.126 ? ? 15 1 0.976 ? 
2.800 3.130  ? 15.210 ? ? ? ? 131 100.000 ? ? ? ? 0.101 ? ? ? ? ? ? ? ? 6.450 ? ? ? ? 0.110 ? ? 16 1 0.989 ? 
3.130 3.620  ? 14.880 ? ? ? ? 110 99.100  ? ? ? ? 0.105 ? ? ? ? ? ? ? ? 5.727 ? ? ? ? 0.116 ? ? 17 1 0.988 ? 
3.620 4.430  ? 15.410 ? ? ? ? 104 99.000  ? ? ? ? 0.097 ? ? ? ? ? ? ? ? 5.683 ? ? ? ? 0.107 ? ? 18 1 0.992 ? 
4.430 6.260  ? 15.840 ? ? ? ? 75  98.700  ? ? ? ? 0.088 ? ? ? ? ? ? ? ? 6.040 ? ? ? ? 0.097 ? ? 19 1 0.994 ? 
6.260 14.670 ? 14.790 ? ? ? ? 46  90.200  ? ? ? ? 0.101 ? ? ? ? ? ? ? ? 5.370 ? ? ? ? 0.114 ? ? 20 1 0.996 ? 
# 
_refine.aniso_B[1][1]                            -1.5400 
_refine.aniso_B[1][2]                            0.0000 
_refine.aniso_B[1][3]                            -0.2200 
_refine.aniso_B[2][2]                            0.9500 
_refine.aniso_B[2][3]                            0.0000 
_refine.aniso_B[3][3]                            0.5800 
_refine.B_iso_max                                53.660 
_refine.B_iso_mean                               18.2800 
_refine.B_iso_min                                10.330 
_refine.correlation_coeff_Fo_to_Fc               0.9750 
_refine.correlation_coeff_Fo_to_Fc_free          0.9600 
_refine.details                                  
'HYDROGENS HAVE BEEN ADDED IN THE RIDING POSITIONS U VALUES      : REFINED INDIVIDUALLY' 
_refine.diff_density_max                         ? 
_refine.diff_density_max_esd                     ? 
_refine.diff_density_min                         ? 
_refine.diff_density_min_esd                     ? 
_refine.diff_density_rms                         ? 
_refine.diff_density_rms_esd                     ? 
_refine.entry_id                                 6GQC 
_refine.pdbx_refine_id                           'X-RAY DIFFRACTION' 
_refine.ls_abs_structure_details                 ? 
_refine.ls_abs_structure_Flack                   ? 
_refine.ls_abs_structure_Flack_esd               ? 
_refine.ls_abs_structure_Rogers                  ? 
_refine.ls_abs_structure_Rogers_esd              ? 
_refine.ls_d_res_high                            1.4000 
_refine.ls_d_res_low                             14.6700 
_refine.ls_extinction_coef                       ? 
_refine.ls_extinction_coef_esd                   ? 
_refine.ls_extinction_expression                 ? 
_refine.ls_extinction_method                     ? 
_refine.ls_goodness_of_fit_all                   ? 
_refine.ls_goodness_of_fit_all_esd               ? 
_refine.ls_goodness_of_fit_obs                   ? 
_refine.ls_goodness_of_fit_obs_esd               ? 
_refine.ls_hydrogen_treatment                    ? 
_refine.ls_matrix_type                           ? 
_refine.ls_number_constraints                    ? 
_refine.ls_number_parameters                     ? 
_refine.ls_number_reflns_all                     ? 
_refine.ls_number_reflns_obs                     3129 
_refine.ls_number_reflns_R_free                  348 
_refine.ls_number_reflns_R_work                  ? 
_refine.ls_number_restraints                     ? 
_refine.ls_percent_reflns_obs                    99.2900 
_refine.ls_percent_reflns_R_free                 10.0000 
_refine.ls_R_factor_all                          ? 
_refine.ls_R_factor_obs                          0.1548 
_refine.ls_R_factor_R_free                       0.1928 
_refine.ls_R_factor_R_free_error                 ? 
_refine.ls_R_factor_R_free_error_details         ? 
_refine.ls_R_factor_R_work                       0.1506 
_refine.ls_R_Fsqd_factor_obs                     ? 
_refine.ls_R_I_factor_obs                        ? 
_refine.ls_redundancy_reflns_all                 ? 
_refine.ls_redundancy_reflns_obs                 ? 
_refine.ls_restrained_S_all                      ? 
_refine.ls_restrained_S_obs                      ? 
_refine.ls_shift_over_esd_max                    ? 
_refine.ls_shift_over_esd_mean                   ? 
_refine.ls_structure_factor_coef                 ? 
_refine.ls_weighting_details                     ? 
_refine.ls_weighting_scheme                      ? 
_refine.ls_wR_factor_all                         ? 
_refine.ls_wR_factor_obs                         ? 
_refine.ls_wR_factor_R_free                      ? 
_refine.ls_wR_factor_R_work                      ? 
_refine.occupancy_max                            ? 
_refine.occupancy_min                            ? 
_refine.solvent_model_details                    ? 
_refine.solvent_model_param_bsol                 ? 
_refine.solvent_model_param_ksol                 ? 
_refine.ls_R_factor_gt                           ? 
_refine.ls_goodness_of_fit_gt                    ? 
_refine.ls_goodness_of_fit_ref                   ? 
_refine.ls_shift_over_su_max                     ? 
_refine.ls_shift_over_su_max_lt                  ? 
_refine.ls_shift_over_su_mean                    ? 
_refine.ls_shift_over_su_mean_lt                 ? 
_refine.pdbx_ls_sigma_I                          ? 
_refine.pdbx_ls_sigma_F                          0.000 
_refine.pdbx_ls_sigma_Fsqd                       ? 
_refine.pdbx_data_cutoff_high_absF               ? 
_refine.pdbx_data_cutoff_high_rms_absF           ? 
_refine.pdbx_data_cutoff_low_absF                ? 
_refine.pdbx_isotropic_thermal_model             ? 
_refine.pdbx_ls_cross_valid_method               THROUGHOUT 
_refine.pdbx_method_to_determine_struct          'MOLECULAR REPLACEMENT' 
_refine.pdbx_starting_model                      5I55 
_refine.pdbx_stereochemistry_target_values       ? 
_refine.pdbx_R_Free_selection_details            RANDOM 
_refine.pdbx_stereochem_target_val_spec_case     ? 
_refine.pdbx_overall_ESU_R                       0.0840 
_refine.pdbx_overall_ESU_R_Free                  0.0710 
_refine.pdbx_solvent_vdw_probe_radii             1.2000 
_refine.pdbx_solvent_ion_probe_radii             0.8000 
_refine.pdbx_solvent_shrinkage_radii             0.8000 
_refine.pdbx_real_space_R                        ? 
_refine.pdbx_density_correlation                 ? 
_refine.pdbx_pd_number_of_powder_patterns        ? 
_refine.pdbx_pd_number_of_points                 ? 
_refine.pdbx_pd_meas_number_of_points            ? 
_refine.pdbx_pd_proc_ls_prof_R_factor            ? 
_refine.pdbx_pd_proc_ls_prof_wR_factor           ? 
_refine.pdbx_pd_Marquardt_correlation_coeff      ? 
_refine.pdbx_pd_Fsqrd_R_factor                   ? 
_refine.pdbx_pd_ls_matrix_band_width             ? 
_refine.pdbx_overall_phase_error                 ? 
_refine.pdbx_overall_SU_R_free_Cruickshank_DPI   ? 
_refine.pdbx_overall_SU_R_free_Blow_DPI          ? 
_refine.pdbx_overall_SU_R_Blow_DPI               ? 
_refine.pdbx_TLS_residual_ADP_flag               ? 
_refine.pdbx_diffrn_id                           1 
_refine.overall_SU_B                             2.5590 
_refine.overall_SU_ML                            0.0450 
_refine.overall_SU_R_Cruickshank_DPI             0.0844 
_refine.overall_SU_R_free                        ? 
_refine.overall_FOM_free_R_set                   ? 
_refine.overall_FOM_work_R_set                   ? 
_refine.pdbx_average_fsc_overall                 ? 
_refine.pdbx_average_fsc_work                    ? 
_refine.pdbx_average_fsc_free                    ? 
# 
_refine_hist.cycle_id                         final 
_refine_hist.pdbx_refine_id                   'X-RAY DIFFRACTION' 
_refine_hist.d_res_high                       1.4000 
_refine_hist.d_res_low                        14.6700 
_refine_hist.pdbx_number_atoms_ligand         3 
_refine_hist.number_atoms_solvent             2 
_refine_hist.number_atoms_total               191 
_refine_hist.pdbx_number_residues_total       22 
_refine_hist.pdbx_B_iso_mean_ligand           46.79 
_refine_hist.pdbx_B_iso_mean_solvent          24.65 
_refine_hist.pdbx_number_atoms_protein        186 
_refine_hist.pdbx_number_atoms_nucleic_acid   0 
# 
loop_
_refine_ls_restr.pdbx_refine_id 
_refine_ls_restr.criterion 
_refine_ls_restr.dev_ideal 
_refine_ls_restr.dev_ideal_target 
_refine_ls_restr.number 
_refine_ls_restr.rejects 
_refine_ls_restr.type 
_refine_ls_restr.weight 
_refine_ls_restr.pdbx_restraint_function 
'X-RAY DIFFRACTION' ? 0.011  0.020  199 ? r_bond_refined_d       ? ? 
'X-RAY DIFFRACTION' ? 0.006  0.020  203 ? r_bond_other_d         ? ? 
'X-RAY DIFFRACTION' ? 1.385  1.989  265 ? r_angle_refined_deg    ? ? 
'X-RAY DIFFRACTION' ? 0.910  3.000  469 ? r_angle_other_deg      ? ? 
'X-RAY DIFFRACTION' ? 4.316  5.000  23  ? r_dihedral_angle_1_deg ? ? 
'X-RAY DIFFRACTION' ? 37.889 24.444 9   ? r_dihedral_angle_2_deg ? ? 
'X-RAY DIFFRACTION' ? 16.501 15.000 40  ? r_dihedral_angle_3_deg ? ? 
'X-RAY DIFFRACTION' ? 0.086  0.200  28  ? r_chiral_restr         ? ? 
'X-RAY DIFFRACTION' ? 0.008  0.020  216 ? r_gen_planes_refined   ? ? 
'X-RAY DIFFRACTION' ? 0.002  0.020  48  ? r_gen_planes_other     ? ? 
'X-RAY DIFFRACTION' ? 6.734  3.000  402 ? r_rigid_bond_restr     ? ? 
'X-RAY DIFFRACTION' ? 13.696 5.000  2   ? r_sphericity_free      ? ? 
'X-RAY DIFFRACTION' ? 4.860  5.000  400 ? r_sphericity_bonded    ? ? 
# 
_refine_ls_shell.pdbx_refine_id                   'X-RAY DIFFRACTION' 
_refine_ls_shell.d_res_high                       1.4000 
_refine_ls_shell.d_res_low                        1.4360 
_refine_ls_shell.number_reflns_all                264 
_refine_ls_shell.number_reflns_obs                ? 
_refine_ls_shell.number_reflns_R_free             26 
_refine_ls_shell.number_reflns_R_work             238 
_refine_ls_shell.percent_reflns_obs               100.0000 
_refine_ls_shell.percent_reflns_R_free            ? 
_refine_ls_shell.R_factor_all                     ? 
_refine_ls_shell.R_factor_obs                     ? 
_refine_ls_shell.R_factor_R_free                  0.2640 
_refine_ls_shell.R_factor_R_free_error            0.0000 
_refine_ls_shell.R_factor_R_work                  0.2390 
_refine_ls_shell.redundancy_reflns_all            ? 
_refine_ls_shell.redundancy_reflns_obs            ? 
_refine_ls_shell.wR_factor_all                    ? 
_refine_ls_shell.wR_factor_obs                    ? 
_refine_ls_shell.wR_factor_R_free                 ? 
_refine_ls_shell.wR_factor_R_work                 ? 
_refine_ls_shell.pdbx_total_number_of_bins_used   20 
_refine_ls_shell.pdbx_phase_error                 ? 
_refine_ls_shell.pdbx_fsc_work                    ? 
_refine_ls_shell.pdbx_fsc_free                    ? 
# 
_struct.entry_id                     6GQC 
_struct.title                        
'Crystal Structure of the PSMalpha3 Peptide Mutant G16A Forming Cross-Alpha Amyloid-like Fibril' 
_struct.pdbx_model_details           'S. aureus' 
_struct.pdbx_formula_weight          ? 
_struct.pdbx_formula_weight_method   ? 
_struct.pdbx_model_type_details      ? 
_struct.pdbx_CASP_flag               N 
# 
_struct_keywords.entry_id        6GQC 
_struct_keywords.text            'cross-alpha, fibril, amyloid, mating alpha-helical sheets, PROTEIN FIBRIL' 
_struct_keywords.pdbx_keywords   'PROTEIN FIBRIL' 
# 
loop_
_struct_asym.id 
_struct_asym.pdbx_blank_PDB_chainid_flag 
_struct_asym.pdbx_modified 
_struct_asym.entity_id 
_struct_asym.details 
A N N 1 ? 
B N N 2 ? 
C N N 2 ? 
D N N 3 ? 
E N N 4 ? 
# 
_struct_ref.id                         1 
_struct_ref.db_name                    UNP 
_struct_ref.db_code                    PSMA3_STAA8 
_struct_ref.pdbx_db_accession          P0C805 
_struct_ref.pdbx_db_isoform            ? 
_struct_ref.entity_id                  1 
_struct_ref.pdbx_seq_one_letter_code   MEFVAKLFKFFKDLLGKFLGNN 
_struct_ref.pdbx_align_begin           1 
# 
_struct_ref_seq.align_id                      1 
_struct_ref_seq.ref_id                        1 
_struct_ref_seq.pdbx_PDB_id_code              6GQC 
_struct_ref_seq.pdbx_strand_id                A 
_struct_ref_seq.seq_align_beg                 1 
_struct_ref_seq.pdbx_seq_align_beg_ins_code   ? 
_struct_ref_seq.seq_align_end                 22 
_struct_ref_seq.pdbx_seq_align_end_ins_code   ? 
_struct_ref_seq.pdbx_db_accession             P0C805 
_struct_ref_seq.db_align_beg                  1 
_struct_ref_seq.pdbx_db_align_beg_ins_code    ? 
_struct_ref_seq.db_align_end                  22 
_struct_ref_seq.pdbx_db_align_end_ins_code    ? 
_struct_ref_seq.pdbx_auth_seq_align_beg       1 
_struct_ref_seq.pdbx_auth_seq_align_end       22 
# 
_struct_ref_seq_dif.align_id                     1 
_struct_ref_seq_dif.pdbx_pdb_id_code             6GQC 
_struct_ref_seq_dif.mon_id                       ALA 
_struct_ref_seq_dif.pdbx_pdb_strand_id           A 
_struct_ref_seq_dif.seq_num                      16 
_struct_ref_seq_dif.pdbx_pdb_ins_code            ? 
_struct_ref_seq_dif.pdbx_seq_db_name             UNP 
_struct_ref_seq_dif.pdbx_seq_db_accession_code   P0C805 
_struct_ref_seq_dif.db_mon_id                    GLY 
_struct_ref_seq_dif.pdbx_seq_db_seq_num          16 
_struct_ref_seq_dif.details                      'engineered mutation' 
_struct_ref_seq_dif.pdbx_auth_seq_num            16 
_struct_ref_seq_dif.pdbx_ordinal                 1 
# 
_pdbx_struct_assembly.id                   1 
_pdbx_struct_assembly.details              author_defined_assembly 
_pdbx_struct_assembly.method_details       ? 
_pdbx_struct_assembly.oligomeric_details   octadecameric 
_pdbx_struct_assembly.oligomeric_count     18 
# 
loop_
_pdbx_struct_assembly_gen.assembly_id 
_pdbx_struct_assembly_gen.oper_expression 
_pdbx_struct_assembly_gen.asym_id_list 
1 1  A,B,C,D,E 
1 2  A,B,C,D,E 
1 3  A,B,C,D,E 
1 4  A,B,C,D,E 
1 5  A,B,C,D,E 
1 6  A,B,C,D,E 
1 7  A,B,C,D,E 
1 8  A,B,C,D,E 
1 9  A,B,C,D,E 
1 10 A,B,C,D,E 
1 11 A,B,C,D,E 
1 12 A,B,C,D,E 
1 13 A,B,C,D,E 
1 14 A,B,C,D,E 
1 15 A,B,C,D,E 
1 16 A,B,C,D,E 
1 17 A,B,C,D,E 
1 18 A,B,C,D,E 
# 
_pdbx_struct_assembly_auth_evidence.id                     1 
_pdbx_struct_assembly_auth_evidence.assembly_id            1 
_pdbx_struct_assembly_auth_evidence.experimental_support   microscopy 
_pdbx_struct_assembly_auth_evidence.details                'Fibrils were observed by TEM and X-ray fibril diffraction' 
# 
loop_
_pdbx_struct_oper_list.id 
_pdbx_struct_oper_list.type 
_pdbx_struct_oper_list.name 
_pdbx_struct_oper_list.symmetry_operation 
_pdbx_struct_oper_list.matrix[1][1] 
_pdbx_struct_oper_list.matrix[1][2] 
_pdbx_struct_oper_list.matrix[1][3] 
_pdbx_struct_oper_list.vector[1] 
_pdbx_struct_oper_list.matrix[2][1] 
_pdbx_struct_oper_list.matrix[2][2] 
_pdbx_struct_oper_list.matrix[2][3] 
_pdbx_struct_oper_list.vector[2] 
_pdbx_struct_oper_list.matrix[3][1] 
_pdbx_struct_oper_list.matrix[3][2] 
_pdbx_struct_oper_list.matrix[3][3] 
_pdbx_struct_oper_list.vector[3] 
1  'identity operation'         1_555 x,y,z           1.0000000000  0.0000000000  0.0000000000 0.0000000000   0.0000000000  1.0000000000 0.0000000000  0.0000000000   0.0000000000 0.0000000000  1.0000000000  0.0000000000   
2  'crystal symmetry operation' 1_545 x,y-1,z         1.0000000000  0.0000000000  0.0000000000 -6.5066055660  0.0000000000  1.0000000000 0.0000000000  11.0689534034  0.0000000000 0.0000000000  1.0000000000  -3.4687684503  
3  'crystal symmetry operation' 1_535 x,y-2,z         1.0000000000  0.0000000000  0.0000000000 -13.0132111320 0.0000000000  1.0000000000 0.0000000000  22.1379068068  0.0000000000 0.0000000000  1.0000000000  -6.9375369005  
4  'crystal symmetry operation' 1_525 x,y-3,z         1.0000000000  0.0000000000  0.0000000000 -19.5198166980 0.0000000000  1.0000000000 0.0000000000  33.2068602103  0.0000000000 0.0000000000  1.0000000000  -10.4063053508 
5  'crystal symmetry operation' 1_515 x,y-4,z         1.0000000000  0.0000000000  0.0000000000 -26.0264222640 0.0000000000  1.0000000000 0.0000000000  44.2758136137  0.0000000000 0.0000000000  1.0000000000  -13.8750738010 
6  'crystal symmetry operation' 1_565 x,y+1,z         1.0000000000  0.0000000000  0.0000000000 6.5066055660   0.0000000000  1.0000000000 0.0000000000  -11.0689534034 0.0000000000 0.0000000000  1.0000000000  3.4687684503   
7  'crystal symmetry operation' 1_575 x,y+2,z         1.0000000000  0.0000000000  0.0000000000 13.0132111320  0.0000000000  1.0000000000 0.0000000000  -22.1379068068 0.0000000000 0.0000000000  1.0000000000  6.9375369005   
8  'crystal symmetry operation' 1_585 x,y+3,z         1.0000000000  0.0000000000  0.0000000000 19.5198166980  0.0000000000  1.0000000000 0.0000000000  -33.2068602103 0.0000000000 0.0000000000  1.0000000000  10.4063053508  
9  'crystal symmetry operation' 1_595 x,y+4,z         1.0000000000  0.0000000000  0.0000000000 26.0264222640  0.0000000000  1.0000000000 0.0000000000  -44.2758136137 0.0000000000 0.0000000000  1.0000000000  13.8750738010  
10 'crystal symmetry operation' 4_445 -x-1/2,y-1/2,-z -0.5213305897 -0.8143062222 0.2551858003 -13.8454656374 -0.8143062222 0.3852872344 -0.4341187896 0.7178241741   0.2551858003 -0.4341187896 -0.8639566447 2.7639625567   
11 'crystal symmetry operation' 4_455 -x-1/2,y+1/2,-z -0.5213305897 -0.8143062222 0.2551858003 -7.3388600714  -0.8143062222 0.3852872344 -0.4341187896 -10.3511292293 0.2551858003 -0.4341187896 -0.8639566447 6.2327310070   
12 'crystal symmetry operation' 4_465 -x-1/2,y+3/2,-z -0.5213305897 -0.8143062222 0.2551858003 -0.8322545054  -0.8143062222 0.3852872344 -0.4341187896 -21.4200826328 0.2551858003 -0.4341187896 -0.8639566447 9.7014994573   
13 'crystal symmetry operation' 4_475 -x-1/2,y+5/2,-z -0.5213305897 -0.8143062222 0.2551858003 5.6743510606   -0.8143062222 0.3852872344 -0.4341187896 -32.4890360362 0.2551858003 -0.4341187896 -0.8639566447 13.1702679075  
14 'crystal symmetry operation' 4_485 -x-1/2,y+7/2,-z -0.5213305897 -0.8143062222 0.2551858003 12.1809566266  -0.8143062222 0.3852872344 -0.4341187896 -43.5579894396 0.2551858003 -0.4341187896 -0.8639566447 16.6390363578  
15 'crystal symmetry operation' 4_495 -x-1/2,y+9/2,-z -0.5213305897 -0.8143062222 0.2551858003 18.6875621926  -0.8143062222 0.3852872344 -0.4341187896 -54.6269428430 0.2551858003 -0.4341187896 -0.8639566447 20.1078048081  
16 'crystal symmetry operation' 4_415 -x-1/2,y-7/2,-z -0.5213305897 -0.8143062222 0.2551858003 -33.3652823354 -0.8143062222 0.3852872344 -0.4341187896 33.9246843843  0.2551858003 -0.4341187896 -0.8639566447 -7.6423427940  
17 'crystal symmetry operation' 4_425 -x-1/2,y-5/2,-z -0.5213305897 -0.8143062222 0.2551858003 -26.8586767694 -0.8143062222 0.3852872344 -0.4341187896 22.8557309809  0.2551858003 -0.4341187896 -0.8639566447 -4.1735743438  
18 'crystal symmetry operation' 4_435 -x-1/2,y-3/2,-z -0.5213305897 -0.8143062222 0.2551858003 -20.3520712034 -0.8143062222 0.3852872344 -0.4341187896 11.7867775775  0.2551858003 -0.4341187896 -0.8639566447 -0.7048058935 
# 
_struct_conf.conf_type_id            HELX_P 
_struct_conf.id                      HELX_P1 
_struct_conf.pdbx_PDB_helix_id       AA1 
_struct_conf.beg_label_comp_id       GLU 
_struct_conf.beg_label_asym_id       A 
_struct_conf.beg_label_seq_id        2 
_struct_conf.pdbx_beg_PDB_ins_code   ? 
_struct_conf.end_label_comp_id       GLY 
_struct_conf.end_label_asym_id       A 
_struct_conf.end_label_seq_id        20 
_struct_conf.pdbx_end_PDB_ins_code   ? 
_struct_conf.beg_auth_comp_id        GLU 
_struct_conf.beg_auth_asym_id        A 
_struct_conf.beg_auth_seq_id         2 
_struct_conf.end_auth_comp_id        GLY 
_struct_conf.end_auth_asym_id        A 
_struct_conf.end_auth_seq_id         20 
_struct_conf.pdbx_PDB_helix_class    1 
_struct_conf.details                 ? 
_struct_conf.pdbx_PDB_helix_length   19 
# 
_struct_conf_type.id          HELX_P 
_struct_conf_type.criteria    ? 
_struct_conf_type.reference   ? 
# 
loop_
_struct_conn.id 
_struct_conn.conn_type_id 
_struct_conn.pdbx_leaving_atom_flag 
_struct_conn.pdbx_PDB_id 
_struct_conn.ptnr1_label_asym_id 
_struct_conn.ptnr1_label_comp_id 
_struct_conn.ptnr1_label_seq_id 
_struct_conn.ptnr1_label_atom_id 
_struct_conn.pdbx_ptnr1_label_alt_id 
_struct_conn.pdbx_ptnr1_PDB_ins_code 
_struct_conn.pdbx_ptnr1_standard_comp_id 
_struct_conn.ptnr1_symmetry 
_struct_conn.ptnr2_label_asym_id 
_struct_conn.ptnr2_label_comp_id 
_struct_conn.ptnr2_label_seq_id 
_struct_conn.ptnr2_label_atom_id 
_struct_conn.pdbx_ptnr2_label_alt_id 
_struct_conn.pdbx_ptnr2_PDB_ins_code 
_struct_conn.ptnr1_auth_asym_id 
_struct_conn.ptnr1_auth_comp_id 
_struct_conn.ptnr1_auth_seq_id 
_struct_conn.ptnr2_auth_asym_id 
_struct_conn.ptnr2_auth_comp_id 
_struct_conn.ptnr2_auth_seq_id 
_struct_conn.ptnr2_symmetry 
_struct_conn.pdbx_ptnr3_label_atom_id 
_struct_conn.pdbx_ptnr3_label_seq_id 
_struct_conn.pdbx_ptnr3_label_comp_id 
_struct_conn.pdbx_ptnr3_label_asym_id 
_struct_conn.pdbx_ptnr3_label_alt_id 
_struct_conn.pdbx_ptnr3_PDB_ins_code 
_struct_conn.details 
_struct_conn.pdbx_dist_value 
_struct_conn.pdbx_value_order 
_struct_conn.pdbx_role 
metalc1 metalc ? ? A GLU 2  OE1 ? ? ? 1_555 B NA  . NA ? ? A GLU 2   A NA  101 4_456 ? ? ? ? ? ? ? 2.786 ? ? 
metalc2 metalc ? ? A ASP 13 OD1 ? ? ? 1_555 B NA  . NA ? ? A ASP 13  A NA  101 1_555 ? ? ? ? ? ? ? 2.891 ? ? 
metalc3 metalc ? ? A ASN 21 OD1 ? ? ? 1_555 B NA  . NA ? ? A ASN 21  A NA  101 2_556 ? ? ? ? ? ? ? 2.956 ? ? 
metalc4 metalc ? ? C NA  .  NA  ? ? ? 1_555 E HOH . O  ? ? A NA  102 A HOH 202 1_555 ? ? ? ? ? ? ? 2.742 ? ? 
# 
_struct_conn_type.id          metalc 
_struct_conn_type.criteria    ? 
_struct_conn_type.reference   ? 
# 
loop_
_pdbx_struct_conn_angle.id 
_pdbx_struct_conn_angle.ptnr1_label_atom_id 
_pdbx_struct_conn_angle.ptnr1_label_alt_id 
_pdbx_struct_conn_angle.ptnr1_label_asym_id 
_pdbx_struct_conn_angle.ptnr1_label_comp_id 
_pdbx_struct_conn_angle.ptnr1_label_seq_id 
_pdbx_struct_conn_angle.ptnr1_auth_atom_id 
_pdbx_struct_conn_angle.ptnr1_auth_asym_id 
_pdbx_struct_conn_angle.ptnr1_auth_comp_id 
_pdbx_struct_conn_angle.ptnr1_auth_seq_id 
_pdbx_struct_conn_angle.ptnr1_PDB_ins_code 
_pdbx_struct_conn_angle.ptnr1_symmetry 
_pdbx_struct_conn_angle.ptnr2_label_atom_id 
_pdbx_struct_conn_angle.ptnr2_label_alt_id 
_pdbx_struct_conn_angle.ptnr2_label_asym_id 
_pdbx_struct_conn_angle.ptnr2_label_comp_id 
_pdbx_struct_conn_angle.ptnr2_label_seq_id 
_pdbx_struct_conn_angle.ptnr2_auth_atom_id 
_pdbx_struct_conn_angle.ptnr2_auth_asym_id 
_pdbx_struct_conn_angle.ptnr2_auth_comp_id 
_pdbx_struct_conn_angle.ptnr2_auth_seq_id 
_pdbx_struct_conn_angle.ptnr2_PDB_ins_code 
_pdbx_struct_conn_angle.ptnr2_symmetry 
_pdbx_struct_conn_angle.ptnr3_label_atom_id 
_pdbx_struct_conn_angle.ptnr3_label_alt_id 
_pdbx_struct_conn_angle.ptnr3_label_asym_id 
_pdbx_struct_conn_angle.ptnr3_label_comp_id 
_pdbx_struct_conn_angle.ptnr3_label_seq_id 
_pdbx_struct_conn_angle.ptnr3_auth_atom_id 
_pdbx_struct_conn_angle.ptnr3_auth_asym_id 
_pdbx_struct_conn_angle.ptnr3_auth_comp_id 
_pdbx_struct_conn_angle.ptnr3_auth_seq_id 
_pdbx_struct_conn_angle.ptnr3_PDB_ins_code 
_pdbx_struct_conn_angle.ptnr3_symmetry 
_pdbx_struct_conn_angle.value 
_pdbx_struct_conn_angle.value_esd 
1 OE1 ? A GLU 2  ? A GLU 2  ? 1_555 NA ? B NA . ? A NA 101 ? 4_456 OD1 ? A ASP 13 ? A ASP 13 ? 1_555 29.7 ? 
2 OE1 ? A GLU 2  ? A GLU 2  ? 1_555 NA ? B NA . ? A NA 101 ? 4_456 OD1 ? A ASN 21 ? A ASN 21 ? 1_555 44.8 ? 
3 OD1 ? A ASP 13 ? A ASP 13 ? 1_555 NA ? B NA . ? A NA 101 ? 4_456 OD1 ? A ASN 21 ? A ASN 21 ? 1_555 16.2 ? 
# 
loop_
_struct_site.id 
_struct_site.pdbx_evidence_code 
_struct_site.pdbx_auth_asym_id 
_struct_site.pdbx_auth_comp_id 
_struct_site.pdbx_auth_seq_id 
_struct_site.pdbx_auth_ins_code 
_struct_site.pdbx_num_residues 
_struct_site.details 
AC1 Software A NA 101 ? 5 'binding site for residue NA A 101' 
AC2 Software A NA 102 ? 4 'binding site for residue NA A 102' 
AC3 Software A CL 103 ? 4 'binding site for residue CL A 103' 
# 
loop_
_struct_site_gen.id 
_struct_site_gen.site_id 
_struct_site_gen.pdbx_num_res 
_struct_site_gen.label_comp_id 
_struct_site_gen.label_asym_id 
_struct_site_gen.label_seq_id 
_struct_site_gen.pdbx_auth_ins_code 
_struct_site_gen.auth_comp_id 
_struct_site_gen.auth_asym_id 
_struct_site_gen.auth_seq_id 
_struct_site_gen.label_atom_id 
_struct_site_gen.label_alt_id 
_struct_site_gen.symmetry 
_struct_site_gen.details 
1  AC1 5 GLU A 2  ? GLU A 2   . ? 4_446 ? 
2  AC1 5 LYS A 9  ? LYS A 9   . ? 1_555 ? 
3  AC1 5 ASP A 13 ? ASP A 13  . ? 1_555 ? 
4  AC1 5 GLY A 20 ? GLY A 20  . ? 2_556 ? 
5  AC1 5 ASN A 21 ? ASN A 21  . ? 2_556 ? 
6  AC2 4 MET A 1  ? MET A 1   . ? 4_446 ? 
7  AC2 4 LYS A 12 ? LYS A 12  . ? 1_545 ? 
8  AC2 4 CL  D .  ? CL  A 103 . ? 1_555 ? 
9  AC2 4 HOH E .  ? HOH A 202 . ? 1_555 ? 
10 AC3 4 PHE A 10 ? PHE A 10  . ? 1_555 ? 
11 AC3 4 ASP A 13 ? ASP A 13  . ? 1_555 ? 
12 AC3 4 NA  C .  ? NA  A 102 . ? 1_555 ? 
13 AC3 4 HOH E .  ? HOH A 201 . ? 1_555 ? 
# 
_pdbx_phasing_MR.entry_id                     6GQC 
_pdbx_phasing_MR.method_rotation              ? 
_pdbx_phasing_MR.method_translation           ? 
_pdbx_phasing_MR.model_details                'Phaser MODE: MR_AUTO' 
_pdbx_phasing_MR.R_factor                     ? 
_pdbx_phasing_MR.R_rigid_body                 ? 
_pdbx_phasing_MR.correlation_coeff_Fo_to_Fc   ? 
_pdbx_phasing_MR.correlation_coeff_Io_to_Ic   ? 
_pdbx_phasing_MR.d_res_high_rotation          ? 
_pdbx_phasing_MR.d_res_low_rotation           ? 
_pdbx_phasing_MR.d_res_high_translation       ? 
_pdbx_phasing_MR.d_res_low_translation        ? 
_pdbx_phasing_MR.packing                      1.000 
_pdbx_phasing_MR.reflns_percent_rotation      ? 
_pdbx_phasing_MR.reflns_percent_translation   ? 
_pdbx_phasing_MR.sigma_F_rotation             ? 
_pdbx_phasing_MR.sigma_F_translation          ? 
_pdbx_phasing_MR.sigma_I_rotation             ? 
_pdbx_phasing_MR.sigma_I_translation          ? 
# 
_phasing.method   MR 
# 
loop_
_chem_comp_atom.comp_id 
_chem_comp_atom.atom_id 
_chem_comp_atom.type_symbol 
_chem_comp_atom.pdbx_aromatic_flag 
_chem_comp_atom.pdbx_stereo_config 
_chem_comp_atom.pdbx_ordinal 
ALA N    N  N N 1   
ALA CA   C  N S 2   
ALA C    C  N N 3   
ALA O    O  N N 4   
ALA CB   C  N N 5   
ALA OXT  O  N N 6   
ALA H    H  N N 7   
ALA H2   H  N N 8   
ALA HA   H  N N 9   
ALA HB1  H  N N 10  
ALA HB2  H  N N 11  
ALA HB3  H  N N 12  
ALA HXT  H  N N 13  
ASN N    N  N N 14  
ASN CA   C  N S 15  
ASN C    C  N N 16  
ASN O    O  N N 17  
ASN CB   C  N N 18  
ASN CG   C  N N 19  
ASN OD1  O  N N 20  
ASN ND2  N  N N 21  
ASN OXT  O  N N 22  
ASN H    H  N N 23  
ASN H2   H  N N 24  
ASN HA   H  N N 25  
ASN HB2  H  N N 26  
ASN HB3  H  N N 27  
ASN HD21 H  N N 28  
ASN HD22 H  N N 29  
ASN HXT  H  N N 30  
ASP N    N  N N 31  
ASP CA   C  N S 32  
ASP C    C  N N 33  
ASP O    O  N N 34  
ASP CB   C  N N 35  
ASP CG   C  N N 36  
ASP OD1  O  N N 37  
ASP OD2  O  N N 38  
ASP OXT  O  N N 39  
ASP H    H  N N 40  
ASP H2   H  N N 41  
ASP HA   H  N N 42  
ASP HB2  H  N N 43  
ASP HB3  H  N N 44  
ASP HD2  H  N N 45  
ASP HXT  H  N N 46  
CL  CL   CL N N 47  
GLU N    N  N N 48  
GLU CA   C  N S 49  
GLU C    C  N N 50  
GLU O    O  N N 51  
GLU CB   C  N N 52  
GLU CG   C  N N 53  
GLU CD   C  N N 54  
GLU OE1  O  N N 55  
GLU OE2  O  N N 56  
GLU OXT  O  N N 57  
GLU H    H  N N 58  
GLU H2   H  N N 59  
GLU HA   H  N N 60  
GLU HB2  H  N N 61  
GLU HB3  H  N N 62  
GLU HG2  H  N N 63  
GLU HG3  H  N N 64  
GLU HE2  H  N N 65  
GLU HXT  H  N N 66  
GLY N    N  N N 67  
GLY CA   C  N N 68  
GLY C    C  N N 69  
GLY O    O  N N 70  
GLY OXT  O  N N 71  
GLY H    H  N N 72  
GLY H2   H  N N 73  
GLY HA2  H  N N 74  
GLY HA3  H  N N 75  
GLY HXT  H  N N 76  
HOH O    O  N N 77  
HOH H1   H  N N 78  
HOH H2   H  N N 79  
LEU N    N  N N 80  
LEU CA   C  N S 81  
LEU C    C  N N 82  
LEU O    O  N N 83  
LEU CB   C  N N 84  
LEU CG   C  N N 85  
LEU CD1  C  N N 86  
LEU CD2  C  N N 87  
LEU OXT  O  N N 88  
LEU H    H  N N 89  
LEU H2   H  N N 90  
LEU HA   H  N N 91  
LEU HB2  H  N N 92  
LEU HB3  H  N N 93  
LEU HG   H  N N 94  
LEU HD11 H  N N 95  
LEU HD12 H  N N 96  
LEU HD13 H  N N 97  
LEU HD21 H  N N 98  
LEU HD22 H  N N 99  
LEU HD23 H  N N 100 
LEU HXT  H  N N 101 
LYS N    N  N N 102 
LYS CA   C  N S 103 
LYS C    C  N N 104 
LYS O    O  N N 105 
LYS CB   C  N N 106 
LYS CG   C  N N 107 
LYS CD   C  N N 108 
LYS CE   C  N N 109 
LYS NZ   N  N N 110 
LYS OXT  O  N N 111 
LYS H    H  N N 112 
LYS H2   H  N N 113 
LYS HA   H  N N 114 
LYS HB2  H  N N 115 
LYS HB3  H  N N 116 
LYS HG2  H  N N 117 
LYS HG3  H  N N 118 
LYS HD2  H  N N 119 
LYS HD3  H  N N 120 
LYS HE2  H  N N 121 
LYS HE3  H  N N 122 
LYS HZ1  H  N N 123 
LYS HZ2  H  N N 124 
LYS HZ3  H  N N 125 
LYS HXT  H  N N 126 
MET N    N  N N 127 
MET CA   C  N S 128 
MET C    C  N N 129 
MET O    O  N N 130 
MET CB   C  N N 131 
MET CG   C  N N 132 
MET SD   S  N N 133 
MET CE   C  N N 134 
MET OXT  O  N N 135 
MET H    H  N N 136 
MET H2   H  N N 137 
MET HA   H  N N 138 
MET HB2  H  N N 139 
MET HB3  H  N N 140 
MET HG2  H  N N 141 
MET HG3  H  N N 142 
MET HE1  H  N N 143 
MET HE2  H  N N 144 
MET HE3  H  N N 145 
MET HXT  H  N N 146 
NA  NA   NA N N 147 
PHE N    N  N N 148 
PHE CA   C  N S 149 
PHE C    C  N N 150 
PHE O    O  N N 151 
PHE CB   C  N N 152 
PHE CG   C  Y N 153 
PHE CD1  C  Y N 154 
PHE CD2  C  Y N 155 
PHE CE1  C  Y N 156 
PHE CE2  C  Y N 157 
PHE CZ   C  Y N 158 
PHE OXT  O  N N 159 
PHE H    H  N N 160 
PHE H2   H  N N 161 
PHE HA   H  N N 162 
PHE HB2  H  N N 163 
PHE HB3  H  N N 164 
PHE HD1  H  N N 165 
PHE HD2  H  N N 166 
PHE HE1  H  N N 167 
PHE HE2  H  N N 168 
PHE HZ   H  N N 169 
PHE HXT  H  N N 170 
VAL N    N  N N 171 
VAL CA   C  N S 172 
VAL C    C  N N 173 
VAL O    O  N N 174 
VAL CB   C  N N 175 
VAL CG1  C  N N 176 
VAL CG2  C  N N 177 
VAL OXT  O  N N 178 
VAL H    H  N N 179 
VAL H2   H  N N 180 
VAL HA   H  N N 181 
VAL HB   H  N N 182 
VAL HG11 H  N N 183 
VAL HG12 H  N N 184 
VAL HG13 H  N N 185 
VAL HG21 H  N N 186 
VAL HG22 H  N N 187 
VAL HG23 H  N N 188 
VAL HXT  H  N N 189 
# 
loop_
_chem_comp_bond.comp_id 
_chem_comp_bond.atom_id_1 
_chem_comp_bond.atom_id_2 
_chem_comp_bond.value_order 
_chem_comp_bond.pdbx_aromatic_flag 
_chem_comp_bond.pdbx_stereo_config 
_chem_comp_bond.pdbx_ordinal 
ALA N   CA   sing N N 1   
ALA N   H    sing N N 2   
ALA N   H2   sing N N 3   
ALA CA  C    sing N N 4   
ALA CA  CB   sing N N 5   
ALA CA  HA   sing N N 6   
ALA C   O    doub N N 7   
ALA C   OXT  sing N N 8   
ALA CB  HB1  sing N N 9   
ALA CB  HB2  sing N N 10  
ALA CB  HB3  sing N N 11  
ALA OXT HXT  sing N N 12  
ASN N   CA   sing N N 13  
ASN N   H    sing N N 14  
ASN N   H2   sing N N 15  
ASN CA  C    sing N N 16  
ASN CA  CB   sing N N 17  
ASN CA  HA   sing N N 18  
ASN C   O    doub N N 19  
ASN C   OXT  sing N N 20  
ASN CB  CG   sing N N 21  
ASN CB  HB2  sing N N 22  
ASN CB  HB3  sing N N 23  
ASN CG  OD1  doub N N 24  
ASN CG  ND2  sing N N 25  
ASN ND2 HD21 sing N N 26  
ASN ND2 HD22 sing N N 27  
ASN OXT HXT  sing N N 28  
ASP N   CA   sing N N 29  
ASP N   H    sing N N 30  
ASP N   H2   sing N N 31  
ASP CA  C    sing N N 32  
ASP CA  CB   sing N N 33  
ASP CA  HA   sing N N 34  
ASP C   O    doub N N 35  
ASP C   OXT  sing N N 36  
ASP CB  CG   sing N N 37  
ASP CB  HB2  sing N N 38  
ASP CB  HB3  sing N N 39  
ASP CG  OD1  doub N N 40  
ASP CG  OD2  sing N N 41  
ASP OD2 HD2  sing N N 42  
ASP OXT HXT  sing N N 43  
GLU N   CA   sing N N 44  
GLU N   H    sing N N 45  
GLU N   H2   sing N N 46  
GLU CA  C    sing N N 47  
GLU CA  CB   sing N N 48  
GLU CA  HA   sing N N 49  
GLU C   O    doub N N 50  
GLU C   OXT  sing N N 51  
GLU CB  CG   sing N N 52  
GLU CB  HB2  sing N N 53  
GLU CB  HB3  sing N N 54  
GLU CG  CD   sing N N 55  
GLU CG  HG2  sing N N 56  
GLU CG  HG3  sing N N 57  
GLU CD  OE1  doub N N 58  
GLU CD  OE2  sing N N 59  
GLU OE2 HE2  sing N N 60  
GLU OXT HXT  sing N N 61  
GLY N   CA   sing N N 62  
GLY N   H    sing N N 63  
GLY N   H2   sing N N 64  
GLY CA  C    sing N N 65  
GLY CA  HA2  sing N N 66  
GLY CA  HA3  sing N N 67  
GLY C   O    doub N N 68  
GLY C   OXT  sing N N 69  
GLY OXT HXT  sing N N 70  
HOH O   H1   sing N N 71  
HOH O   H2   sing N N 72  
LEU N   CA   sing N N 73  
LEU N   H    sing N N 74  
LEU N   H2   sing N N 75  
LEU CA  C    sing N N 76  
LEU CA  CB   sing N N 77  
LEU CA  HA   sing N N 78  
LEU C   O    doub N N 79  
LEU C   OXT  sing N N 80  
LEU CB  CG   sing N N 81  
LEU CB  HB2  sing N N 82  
LEU CB  HB3  sing N N 83  
LEU CG  CD1  sing N N 84  
LEU CG  CD2  sing N N 85  
LEU CG  HG   sing N N 86  
LEU CD1 HD11 sing N N 87  
LEU CD1 HD12 sing N N 88  
LEU CD1 HD13 sing N N 89  
LEU CD2 HD21 sing N N 90  
LEU CD2 HD22 sing N N 91  
LEU CD2 HD23 sing N N 92  
LEU OXT HXT  sing N N 93  
LYS N   CA   sing N N 94  
LYS N   H    sing N N 95  
LYS N   H2   sing N N 96  
LYS CA  C    sing N N 97  
LYS CA  CB   sing N N 98  
LYS CA  HA   sing N N 99  
LYS C   O    doub N N 100 
LYS C   OXT  sing N N 101 
LYS CB  CG   sing N N 102 
LYS CB  HB2  sing N N 103 
LYS CB  HB3  sing N N 104 
LYS CG  CD   sing N N 105 
LYS CG  HG2  sing N N 106 
LYS CG  HG3  sing N N 107 
LYS CD  CE   sing N N 108 
LYS CD  HD2  sing N N 109 
LYS CD  HD3  sing N N 110 
LYS CE  NZ   sing N N 111 
LYS CE  HE2  sing N N 112 
LYS CE  HE3  sing N N 113 
LYS NZ  HZ1  sing N N 114 
LYS NZ  HZ2  sing N N 115 
LYS NZ  HZ3  sing N N 116 
LYS OXT HXT  sing N N 117 
MET N   CA   sing N N 118 
MET N   H    sing N N 119 
MET N   H2   sing N N 120 
MET CA  C    sing N N 121 
MET CA  CB   sing N N 122 
MET CA  HA   sing N N 123 
MET C   O    doub N N 124 
MET C   OXT  sing N N 125 
MET CB  CG   sing N N 126 
MET CB  HB2  sing N N 127 
MET CB  HB3  sing N N 128 
MET CG  SD   sing N N 129 
MET CG  HG2  sing N N 130 
MET CG  HG3  sing N N 131 
MET SD  CE   sing N N 132 
MET CE  HE1  sing N N 133 
MET CE  HE2  sing N N 134 
MET CE  HE3  sing N N 135 
MET OXT HXT  sing N N 136 
PHE N   CA   sing N N 137 
PHE N   H    sing N N 138 
PHE N   H2   sing N N 139 
PHE CA  C    sing N N 140 
PHE CA  CB   sing N N 141 
PHE CA  HA   sing N N 142 
PHE C   O    doub N N 143 
PHE C   OXT  sing N N 144 
PHE CB  CG   sing N N 145 
PHE CB  HB2  sing N N 146 
PHE CB  HB3  sing N N 147 
PHE CG  CD1  doub Y N 148 
PHE CG  CD2  sing Y N 149 
PHE CD1 CE1  sing Y N 150 
PHE CD1 HD1  sing N N 151 
PHE CD2 CE2  doub Y N 152 
PHE CD2 HD2  sing N N 153 
PHE CE1 CZ   doub Y N 154 
PHE CE1 HE1  sing N N 155 
PHE CE2 CZ   sing Y N 156 
PHE CE2 HE2  sing N N 157 
PHE CZ  HZ   sing N N 158 
PHE OXT HXT  sing N N 159 
VAL N   CA   sing N N 160 
VAL N   H    sing N N 161 
VAL N   H2   sing N N 162 
VAL CA  C    sing N N 163 
VAL CA  CB   sing N N 164 
VAL CA  HA   sing N N 165 
VAL C   O    doub N N 166 
VAL C   OXT  sing N N 167 
VAL CB  CG1  sing N N 168 
VAL CB  CG2  sing N N 169 
VAL CB  HB   sing N N 170 
VAL CG1 HG11 sing N N 171 
VAL CG1 HG12 sing N N 172 
VAL CG1 HG13 sing N N 173 
VAL CG2 HG21 sing N N 174 
VAL CG2 HG22 sing N N 175 
VAL CG2 HG23 sing N N 176 
VAL OXT HXT  sing N N 177 
# 
_pdbx_initial_refinement_model.id               1 
_pdbx_initial_refinement_model.entity_id_list   ? 
_pdbx_initial_refinement_model.type             'experimental model' 
_pdbx_initial_refinement_model.source_name      PDB 
_pdbx_initial_refinement_model.accession_code   5I55 
_pdbx_initial_refinement_model.details          ? 
# 
_atom_sites.entry_id                    6GQC 
_atom_sites.fract_transf_matrix[1][1]   0.01304148 
_atom_sites.fract_transf_matrix[1][2]   0.01105635 
_atom_sites.fract_transf_matrix[1][3]   0.01081838 
_atom_sites.fract_transf_matrix[2][1]   0.03678336 
_atom_sites.fract_transf_matrix[2][2]   -0.06257537 
_atom_sites.fract_transf_matrix[2][3]   0.01960976 
_atom_sites.fract_transf_matrix[3][1]   0.03281826 
_atom_sites.fract_transf_matrix[3][2]   0.01213959 
_atom_sites.fract_transf_matrix[3][3]   -0.02282161 
_atom_sites.fract_transf_vector[1]      -0.178633 
_atom_sites.fract_transf_vector[2]      0.375675 
_atom_sites.fract_transf_vector[3]      0.254374 
# 
loop_
_atom_type.symbol 
C  
CL 
N  
NA 
O  
S  
# 
loop_
_atom_site.group_PDB 
_atom_site.id 
_atom_site.type_symbol 
_atom_site.label_atom_id 
_atom_site.label_alt_id 
_atom_site.label_comp_id 
_atom_site.label_asym_id 
_atom_site.label_entity_id 
_atom_site.label_seq_id 
_atom_site.pdbx_PDB_ins_code 
_atom_site.Cartn_x 
_atom_site.Cartn_y 
_atom_site.Cartn_z 
_atom_site.occupancy 
_atom_site.B_iso_or_equiv 
_atom_site.pdbx_formal_charge 
_atom_site.auth_seq_id 
_atom_site.auth_comp_id 
_atom_site.auth_asym_id 
_atom_site.auth_atom_id 
_atom_site.pdbx_PDB_model_num 
ATOM   1   N  N   . MET A 1 1  ? 0.853  -4.302 -13.182 1.00 25.61 ? 1   MET A N   1 
ATOM   2   C  CA  . MET A 1 1  ? 0.752  -4.992 -11.874 1.00 22.11 ? 1   MET A CA  1 
ATOM   3   C  C   . MET A 1 1  ? -0.665 -5.545 -11.787 1.00 19.49 ? 1   MET A C   1 
ATOM   4   O  O   . MET A 1 1  ? -1.627 -4.872 -12.132 1.00 19.90 ? 1   MET A O   1 
ATOM   5   C  CB  . MET A 1 1  ? 0.974  -3.997 -10.745 1.00 26.48 ? 1   MET A CB  1 
ATOM   6   C  CG  . MET A 1 1  ? 0.937  -4.611 -9.367  1.00 27.22 ? 1   MET A CG  1 
ATOM   7   S  SD  . MET A 1 1  ? 1.375  -3.380 -8.140  1.00 29.34 ? 1   MET A SD  1 
ATOM   8   C  CE  . MET A 1 1  ? 3.122  -3.206 -8.451  1.00 32.02 ? 1   MET A CE  1 
ATOM   9   N  N   . GLU A 1 2  ? -0.762 -6.788 -11.344 1.00 15.03 ? 2   GLU A N   1 
ATOM   10  C  CA  . GLU A 1 2  ? -2.046 -7.464 -11.179 1.00 14.69 ? 2   GLU A CA  1 
ATOM   11  C  C   . GLU A 1 2  ? -2.944 -6.750 -10.142 1.00 13.38 ? 2   GLU A C   1 
ATOM   12  O  O   . GLU A 1 2  ? -2.434 -6.039 -9.266  1.00 13.18 ? 2   GLU A O   1 
ATOM   13  C  CB  . GLU A 1 2  ? -1.810 -8.917 -10.825 1.00 14.60 ? 2   GLU A CB  1 
ATOM   14  C  CG  . GLU A 1 2  ? -1.197 -9.239 -9.462  1.00 16.34 ? 2   GLU A CG  1 
ATOM   15  C  CD  . GLU A 1 2  ? 0.319  -9.293 -9.440  1.00 18.26 ? 2   GLU A CD  1 
ATOM   16  O  OE1 . GLU A 1 2  ? 0.991  -8.774 -10.367 1.00 23.57 ? 2   GLU A OE1 1 
ATOM   17  O  OE2 . GLU A 1 2  ? 0.854  -9.828 -8.445  1.00 22.47 ? 2   GLU A OE2 1 
ATOM   18  N  N   . PHE A 1 3  ? -4.260 -6.956 -10.231 1.00 11.96 ? 3   PHE A N   1 
ATOM   19  C  CA  . PHE A 1 3  ? -5.154 -6.128 -9.452  1.00 11.86 ? 3   PHE A CA  1 
ATOM   20  C  C   . PHE A 1 3  ? -4.991 -6.322 -7.942  1.00 12.19 ? 3   PHE A C   1 
ATOM   21  O  O   . PHE A 1 3  ? -5.016 -5.331 -7.193  1.00 12.66 ? 3   PHE A O   1 
ATOM   22  C  CB  . PHE A 1 3  ? -6.626 -6.363 -9.834  1.00 13.20 ? 3   PHE A CB  1 
ATOM   23  C  CG  . PHE A 1 3  ? -7.555 -5.349 -9.213  1.00 15.25 ? 3   PHE A CG  1 
ATOM   24  C  CD1 . PHE A 1 3  ? -7.543 -4.035 -9.645  1.00 16.45 ? 3   PHE A CD1 1 
ATOM   25  C  CD2 . PHE A 1 3  ? -8.400 -5.687 -8.156  1.00 18.06 ? 3   PHE A CD2 1 
ATOM   26  C  CE1 . PHE A 1 3  ? -8.354 -3.073 -9.068  1.00 18.14 ? 3   PHE A CE1 1 
ATOM   27  C  CE2 . PHE A 1 3  ? -9.244 -4.730 -7.601  1.00 17.68 ? 3   PHE A CE2 1 
ATOM   28  C  CZ  . PHE A 1 3  ? -9.212 -3.429 -8.049  1.00 19.27 ? 3   PHE A CZ  1 
ATOM   29  N  N   . VAL A 1 4  ? -4.869 -7.562 -7.477  1.00 13.34 ? 4   VAL A N   1 
ATOM   30  C  CA  . VAL A 1 4  ? -4.795 -7.771 -6.024  1.00 13.99 ? 4   VAL A CA  1 
ATOM   31  C  C   . VAL A 1 4  ? -3.517 -7.115 -5.474  1.00 13.74 ? 4   VAL A C   1 
ATOM   32  O  O   . VAL A 1 4  ? -3.531 -6.508 -4.426  1.00 13.82 ? 4   VAL A O   1 
ATOM   33  C  CB  . VAL A 1 4  ? -4.932 -9.243 -5.645  1.00 17.13 ? 4   VAL A CB  1 
ATOM   34  C  CG1 . VAL A 1 4  ? -4.633 -9.454 -4.161  1.00 20.61 ? 4   VAL A CG1 1 
ATOM   35  C  CG2 . VAL A 1 4  ? -6.338 -9.734 -5.998  1.00 18.28 ? 4   VAL A CG2 1 
ATOM   36  N  N   . ALA A 1 5  ? -2.415 -7.206 -6.204  1.00 13.71 ? 5   ALA A N   1 
ATOM   37  C  CA  . ALA A 1 5  ? -1.171 -6.556 -5.808  1.00 14.43 ? 5   ALA A CA  1 
ATOM   38  C  C   . ALA A 1 5  ? -1.317 -5.027 -5.776  1.00 13.29 ? 5   ALA A C   1 
ATOM   39  O  O   . ALA A 1 5  ? -0.804 -4.395 -4.845  1.00 13.83 ? 5   ALA A O   1 
ATOM   40  C  CB  . ALA A 1 5  ? -0.030 -6.966 -6.730  1.00 16.09 ? 5   ALA A CB  1 
ATOM   41  N  N   . LYS A 1 6  ? -1.998 -4.447 -6.769  1.00 12.70 ? 6   LYS A N   1 
ATOM   42  C  CA  . LYS A 1 6  ? -2.252 -3.002 -6.802  1.00 15.03 ? 6   LYS A CA  1 
ATOM   43  C  C   . LYS A 1 6  ? -3.027 -2.586 -5.575  1.00 12.23 ? 6   LYS A C   1 
ATOM   44  O  O   . LYS A 1 6  ? -2.733 -1.546 -4.976  1.00 12.53 ? 6   LYS A O   1 
ATOM   45  C  CB  . LYS A 1 6  ? -3.083 -2.612 -8.027  1.00 17.82 ? 6   LYS A CB  1 
ATOM   46  C  CG  . LYS A 1 6  ? -2.317 -2.520 -9.341  1.00 23.50 ? 6   LYS A CG  1 
ATOM   47  C  CD  . LYS A 1 6  ? -2.997 -1.529 -10.263 1.00 27.82 ? 6   LYS A CD  1 
ATOM   48  C  CE  . LYS A 1 6  ? -4.427 -1.914 -10.513 1.00 26.88 ? 6   LYS A CE  1 
ATOM   49  N  NZ  . LYS A 1 6  ? -4.821 -1.514 -11.892 1.00 27.27 ? 6   LYS A NZ  1 
ATOM   50  N  N   A LEU A 1 7  ? -4.012 -3.390 -5.199  0.50 11.88 ? 7   LEU A N   1 
ATOM   51  N  N   B LEU A 1 7  ? -4.031 -3.381 -5.199  0.50 12.65 ? 7   LEU A N   1 
ATOM   52  C  CA  A LEU A 1 7  ? -4.881 -3.034 -4.098  0.50 11.80 ? 7   LEU A CA  1 
ATOM   53  C  CA  B LEU A 1 7  ? -4.873 -3.049 -4.051  0.50 13.23 ? 7   LEU A CA  1 
ATOM   54  C  C   A LEU A 1 7  ? -4.139 -3.193 -2.744  0.50 11.88 ? 7   LEU A C   1 
ATOM   55  C  C   B LEU A 1 7  ? -4.091 -3.165 -2.743  0.50 12.44 ? 7   LEU A C   1 
ATOM   56  O  O   A LEU A 1 7  ? -4.242 -2.337 -1.879  0.50 12.97 ? 7   LEU A O   1 
ATOM   57  O  O   B LEU A 1 7  ? -4.136 -2.277 -1.902  0.50 13.35 ? 7   LEU A O   1 
ATOM   58  C  CB  A LEU A 1 7  ? -6.160 -3.877 -4.182  0.50 12.62 ? 7   LEU A CB  1 
ATOM   59  C  CB  B LEU A 1 7  ? -6.086 -3.978 -3.984  0.50 15.91 ? 7   LEU A CB  1 
ATOM   60  C  CG  A LEU A 1 7  ? -7.296 -3.438 -3.273  0.50 12.76 ? 7   LEU A CG  1 
ATOM   61  C  CG  B LEU A 1 7  ? -7.287 -3.622 -4.838  0.50 18.03 ? 7   LEU A CG  1 
ATOM   62  C  CD1 A LEU A 1 7  ? -7.791 -2.028 -3.589  0.50 12.98 ? 7   LEU A CD1 1 
ATOM   63  C  CD1 B LEU A 1 7  ? -8.400 -4.597 -4.490  0.50 20.59 ? 7   LEU A CD1 1 
ATOM   64  C  CD2 A LEU A 1 7  ? -8.425 -4.444 -3.379  0.50 13.54 ? 7   LEU A CD2 1 
ATOM   65  C  CD2 B LEU A 1 7  ? -7.711 -2.186 -4.599  0.50 17.94 ? 7   LEU A CD2 1 
ATOM   66  N  N   . PHE A 1 8  ? -3.354 -4.256 -2.584  1.00 11.85 ? 8   PHE A N   1 
ATOM   67  C  CA  . PHE A 1 8  ? -2.546 -4.443 -1.382  1.00 12.05 ? 8   PHE A CA  1 
ATOM   68  C  C   . PHE A 1 8  ? -1.549 -3.286 -1.247  1.00 12.83 ? 8   PHE A C   1 
ATOM   69  O  O   . PHE A 1 8  ? -1.363 -2.754 -0.171  1.00 14.02 ? 8   PHE A O   1 
ATOM   70  C  CB  . PHE A 1 8  ? -1.784 -5.757 -1.439  1.00 12.35 ? 8   PHE A CB  1 
ATOM   71  C  CG  . PHE A 1 8  ? -2.555 -6.970 -0.944  1.00 12.89 ? 8   PHE A CG  1 
ATOM   72  C  CD1 . PHE A 1 8  ? -3.930 -7.078 -1.072  1.00 13.30 ? 8   PHE A CD1 1 
ATOM   73  C  CD2 . PHE A 1 8  ? -1.855 -8.028 -0.361  1.00 14.11 ? 8   PHE A CD2 1 
ATOM   74  C  CE1 . PHE A 1 8  ? -4.589 -8.221 -0.595  1.00 14.62 ? 8   PHE A CE1 1 
ATOM   75  C  CE2 . PHE A 1 8  ? -2.511 -9.139 0.142   1.00 14.64 ? 8   PHE A CE2 1 
ATOM   76  C  CZ  . PHE A 1 8  ? -3.877 -9.222 -0.003  1.00 14.40 ? 8   PHE A CZ  1 
ATOM   77  N  N   . LYS A 1 9  ? -0.893 -2.931 -2.350  1.00 12.47 ? 9   LYS A N   1 
ATOM   78  C  CA  . LYS A 1 9  ? 0.038  -1.799 -2.376  1.00 12.65 ? 9   LYS A CA  1 
ATOM   79  C  C   . LYS A 1 9  ? -0.621 -0.490 -1.975  1.00 11.95 ? 9   LYS A C   1 
ATOM   80  O  O   . LYS A 1 9  ? -0.027 0.312  -1.260  1.00 12.60 ? 9   LYS A O   1 
ATOM   81  C  CB  . LYS A 1 9  ? 0.732  -1.673 -3.742  1.00 14.59 ? 9   LYS A CB  1 
ATOM   82  C  CG  . LYS A 1 9  ? 1.687  -0.504 -3.874  1.00 17.32 ? 9   LYS A CG  1 
ATOM   83  C  CD  . LYS A 1 9  ? 2.263  -0.520 -5.277  1.00 20.84 ? 9   LYS A CD  1 
ATOM   84  C  CE  . LYS A 1 9  ? 2.701  0.856  -5.718  1.00 26.48 ? 9   LYS A CE  1 
ATOM   85  N  NZ  . LYS A 1 9  ? 3.632  1.389  -4.741  1.00 28.07 ? 9   LYS A NZ  1 
ATOM   86  N  N   . PHE A 1 10 ? -1.833 -0.248 -2.457  1.00 11.22 ? 10  PHE A N   1 
ATOM   87  C  CA  . PHE A 1 10 ? -2.521 0.971  -2.077  1.00 11.23 ? 10  PHE A CA  1 
ATOM   88  C  C   . PHE A 1 10 ? -2.682 1.080  -0.555  1.00 10.82 ? 10  PHE A C   1 
ATOM   89  O  O   . PHE A 1 10 ? -2.413 2.136  0.038   1.00 11.48 ? 10  PHE A O   1 
ATOM   90  C  CB  . PHE A 1 10 ? -3.888 1.048  -2.792  1.00 12.12 ? 10  PHE A CB  1 
ATOM   91  C  CG  . PHE A 1 10 ? -4.736 2.171  -2.288  1.00 13.34 ? 10  PHE A CG  1 
ATOM   92  C  CD1 . PHE A 1 10 ? -4.583 3.451  -2.785  1.00 15.11 ? 10  PHE A CD1 1 
ATOM   93  C  CD2 . PHE A 1 10 ? -5.616 1.957  -1.267  1.00 14.89 ? 10  PHE A CD2 1 
ATOM   94  C  CE1 . PHE A 1 10 ? -5.333 4.516  -2.251  1.00 15.74 ? 10  PHE A CE1 1 
ATOM   95  C  CE2 . PHE A 1 10 ? -6.356 2.982  -0.750  1.00 15.26 ? 10  PHE A CE2 1 
ATOM   96  C  CZ  . PHE A 1 10 ? -6.217 4.273  -1.236  1.00 14.99 ? 10  PHE A CZ  1 
ATOM   97  N  N   . PHE A 1 11 ? -3.103 0.008  0.100   1.00 10.89 ? 11  PHE A N   1 
ATOM   98  C  CA  . PHE A 1 11 ? -3.337 0.078  1.545   1.00 11.02 ? 11  PHE A CA  1 
ATOM   99  C  C   . PHE A 1 11 ? -2.035 0.129  2.341   1.00 11.49 ? 11  PHE A C   1 
ATOM   100 O  O   . PHE A 1 11 ? -1.942 0.869  3.295   1.00 11.94 ? 11  PHE A O   1 
ATOM   101 C  CB  . PHE A 1 11 ? -4.241 -1.074 1.980   1.00 11.40 ? 11  PHE A CB  1 
ATOM   102 C  CG  . PHE A 1 11 ? -5.670 -0.915 1.545   1.00 10.33 ? 11  PHE A CG  1 
ATOM   103 C  CD1 . PHE A 1 11 ? -6.503 -0.034 2.229   1.00 12.04 ? 11  PHE A CD1 1 
ATOM   104 C  CD2 . PHE A 1 11 ? -6.223 -1.667 0.551   1.00 11.33 ? 11  PHE A CD2 1 
ATOM   105 C  CE1 . PHE A 1 11 ? -7.815 0.150  1.842   1.00 12.87 ? 11  PHE A CE1 1 
ATOM   106 C  CE2 . PHE A 1 11 ? -7.556 -1.493 0.166   1.00 11.49 ? 11  PHE A CE2 1 
ATOM   107 C  CZ  . PHE A 1 11 ? -8.359 -0.594 0.836   1.00 10.83 ? 11  PHE A CZ  1 
ATOM   108 N  N   . LYS A 1 12 ? -1.004 -0.552 1.862   1.00 11.65 ? 12  LYS A N   1 
ATOM   109 C  CA  . LYS A 1 12 ? 0.270  -0.515 2.537   1.00 14.33 ? 12  LYS A CA  1 
ATOM   110 C  C   . LYS A 1 12 ? 0.856  0.897  2.422   1.00 14.62 ? 12  LYS A C   1 
ATOM   111 O  O   . LYS A 1 12 ? 1.373  1.432  3.399   1.00 16.49 ? 12  LYS A O   1 
ATOM   112 C  CB  . LYS A 1 12 ? 1.175  -1.593 1.985   1.00 18.69 ? 12  LYS A CB  1 
ATOM   113 C  CG  . LYS A 1 12 ? 2.390  -1.887 2.839   1.00 24.12 ? 12  LYS A CG  1 
ATOM   114 C  CD  . LYS A 1 12 ? 3.046  -3.196 2.433   1.00 26.43 ? 12  LYS A CD  1 
ATOM   115 C  CE  . LYS A 1 12 ? 2.955  -3.497 0.942   0.70 30.79 ? 12  LYS A CE  1 
ATOM   116 N  NZ  . LYS A 1 12 ? 3.681  -2.519 0.081   0.70 34.08 ? 12  LYS A NZ  1 
ATOM   117 N  N   . ASP A 1 13 ? 0.744  1.512  1.253   1.00 14.00 ? 13  ASP A N   1 
ATOM   118 C  CA  . ASP A 1 13 ? 1.216  2.884  1.034   1.00 16.21 ? 13  ASP A CA  1 
ATOM   119 C  C   . ASP A 1 13 ? 0.424  3.867  1.863   1.00 15.08 ? 13  ASP A C   1 
ATOM   120 O  O   . ASP A 1 13 ? 1.004  4.807  2.365   1.00 16.04 ? 13  ASP A O   1 
ATOM   121 C  CB  . ASP A 1 13 ? 1.178  3.294  -0.446  1.00 18.63 ? 13  ASP A CB  1 
ATOM   122 C  CG  . ASP A 1 13 ? 2.159  2.504  -1.326  1.00 26.77 ? 13  ASP A CG  1 
ATOM   123 O  OD1 . ASP A 1 13 ? 3.068  1.806  -0.807  1.00 30.02 ? 13  ASP A OD1 1 
ATOM   124 O  OD2 . ASP A 1 13 ? 2.012  2.580  -2.578  1.00 31.15 ? 13  ASP A OD2 1 
ATOM   125 N  N   . LEU A 1 14 ? -0.901 3.657  2.001   1.00 13.14 ? 14  LEU A N   1 
ATOM   126 C  CA  . LEU A 1 14 ? -1.722 4.528  2.812   1.00 14.19 ? 14  LEU A CA  1 
ATOM   127 C  C   . LEU A 1 14 ? -1.270 4.450  4.268   1.00 13.72 ? 14  LEU A C   1 
ATOM   128 O  O   . LEU A 1 14 ? -1.133 5.482  4.925   1.00 14.01 ? 14  LEU A O   1 
ATOM   129 C  CB  . LEU A 1 14 ? -3.201 4.164  2.638   1.00 16.22 ? 14  LEU A CB  1 
ATOM   130 C  CG  . LEU A 1 14 ? -4.233 5.069  3.305   1.00 19.17 ? 14  LEU A CG  1 
ATOM   131 C  CD1 . LEU A 1 14 ? -4.049 6.499  2.784   1.00 20.66 ? 14  LEU A CD1 1 
ATOM   132 C  CD2 . LEU A 1 14 ? -5.620 4.531  2.956   1.00 19.22 ? 14  LEU A CD2 1 
ATOM   133 N  N   . LEU A 1 15 ? -1.040 3.248  4.774   1.00 13.30 ? 15  LEU A N   1 
ATOM   134 C  CA  . LEU A 1 15 ? -0.574 3.093  6.139   1.00 13.84 ? 15  LEU A CA  1 
ATOM   135 C  C   . LEU A 1 15 ? 0.774  3.794  6.343   1.00 13.35 ? 15  LEU A C   1 
ATOM   136 O  O   . LEU A 1 15 ? 0.996  4.450  7.386   1.00 14.88 ? 15  LEU A O   1 
ATOM   137 C  CB  . LEU A 1 15 ? -0.499 1.630  6.520   1.00 15.48 ? 15  LEU A CB  1 
ATOM   138 C  CG  . LEU A 1 15 ? -0.110 1.300  7.959   1.00 17.18 ? 15  LEU A CG  1 
ATOM   139 C  CD1 . LEU A 1 15 ? -1.100 1.879  8.947   1.00 18.02 ? 15  LEU A CD1 1 
ATOM   140 C  CD2 . LEU A 1 15 ? -0.038 -0.195 8.112   1.00 21.51 ? 15  LEU A CD2 1 
ATOM   141 N  N   . ALA A 1 16 ? 1.653  3.737  5.349   1.00 13.34 ? 16  ALA A N   1 
ATOM   142 C  CA  . ALA A 1 16 ? 2.947  4.427  5.431   1.00 12.99 ? 16  ALA A CA  1 
ATOM   143 C  C   . ALA A 1 16 ? 2.850  5.921  5.514   1.00 12.52 ? 16  ALA A C   1 
ATOM   144 O  O   . ALA A 1 16 ? 3.760  6.560  6.034   1.00 14.22 ? 16  ALA A O   1 
ATOM   145 C  CB  . ALA A 1 16 ? 3.827  4.038  4.255   1.00 12.93 ? 16  ALA A CB  1 
ATOM   146 N  N   . LYS A 1 17 ? 1.758  6.513  5.030   1.00 12.33 ? 17  LYS A N   1 
ATOM   147 C  CA  . LYS A 1 17 ? 1.597  7.974  5.184   1.00 13.65 ? 17  LYS A CA  1 
ATOM   148 C  C   . LYS A 1 17 ? 1.421  8.356  6.651   1.00 12.27 ? 17  LYS A C   1 
ATOM   149 O  O   . LYS A 1 17 ? 1.737  9.491  7.056   1.00 13.64 ? 17  LYS A O   1 
ATOM   150 C  CB  . LYS A 1 17 ? 0.398  8.465  4.374   1.00 15.70 ? 17  LYS A CB  1 
ATOM   151 C  CG  . LYS A 1 17 ? 0.533  8.320  2.872   1.00 20.49 ? 17  LYS A CG  1 
ATOM   152 C  CD  . LYS A 1 17 ? 1.683  9.152  2.295   1.00 26.19 ? 17  LYS A CD  1 
ATOM   153 C  CE  . LYS A 1 17 ? 1.489  9.454  0.810   1.00 30.79 ? 17  LYS A CE  1 
ATOM   154 N  NZ  . LYS A 1 17 ? 0.934  10.812 0.589   1.00 34.51 ? 17  LYS A NZ  1 
ATOM   155 N  N   . PHE A 1 18 ? 0.959  7.410  7.468   1.00 12.52 ? 18  PHE A N   1 
ATOM   156 C  CA  . PHE A 1 18 ? 0.780  7.606  8.889   1.00 12.76 ? 18  PHE A CA  1 
ATOM   157 C  C   . PHE A 1 18 ? 1.951  7.129  9.722   1.00 12.37 ? 18  PHE A C   1 
ATOM   158 O  O   . PHE A 1 18 ? 2.354  7.833  10.628  1.00 13.62 ? 18  PHE A O   1 
ATOM   159 C  CB  . PHE A 1 18 ? -0.524 6.935  9.340   1.00 14.73 ? 18  PHE A CB  1 
ATOM   160 C  CG  . PHE A 1 18 ? -1.701 7.625  8.796   1.00 14.83 ? 18  PHE A CG  1 
ATOM   161 C  CD1 . PHE A 1 18 ? -2.226 8.716  9.447   1.00 16.08 ? 18  PHE A CD1 1 
ATOM   162 C  CD2 . PHE A 1 18 ? -2.184 7.297  7.554   1.00 17.40 ? 18  PHE A CD2 1 
ATOM   163 C  CE1 . PHE A 1 18 ? -3.277 9.422  8.920   1.00 18.54 ? 18  PHE A CE1 1 
ATOM   164 C  CE2 . PHE A 1 18 ? -3.246 7.999  7.000   1.00 18.08 ? 18  PHE A CE2 1 
ATOM   165 C  CZ  . PHE A 1 18 ? -3.802 9.066  7.691   1.00 20.54 ? 18  PHE A CZ  1 
ATOM   166 N  N   . LEU A 1 19 ? 2.537  5.978  9.369   1.00 12.05 ? 19  LEU A N   1 
ATOM   167 C  CA  . LEU A 1 19 ? 3.535  5.329  10.212  1.00 13.23 ? 19  LEU A CA  1 
ATOM   168 C  C   . LEU A 1 19 ? 4.955  5.392  9.688   1.00 13.24 ? 19  LEU A C   1 
ATOM   169 O  O   . LEU A 1 19 ? 5.891  5.035  10.391  1.00 15.92 ? 19  LEU A O   1 
ATOM   170 C  CB  . LEU A 1 19 ? 3.120  3.869  10.422  1.00 15.02 ? 19  LEU A CB  1 
ATOM   171 C  CG  . LEU A 1 19 ? 1.763  3.662  11.104  1.00 16.30 ? 19  LEU A CG  1 
ATOM   172 C  CD1 . LEU A 1 19 ? 1.631  2.192  11.502  1.00 17.58 ? 19  LEU A CD1 1 
ATOM   173 C  CD2 . LEU A 1 19 ? 1.554  4.562  12.302  1.00 19.07 ? 19  LEU A CD2 1 
ATOM   174 N  N   . GLY A 1 20 ? 5.127  5.877  8.465   1.00 14.23 ? 20  GLY A N   1 
ATOM   175 C  CA  . GLY A 1 20 ? 6.437  5.987  7.823   1.00 14.84 ? 20  GLY A CA  1 
ATOM   176 C  C   . GLY A 1 20 ? 6.832  4.848  6.920   1.00 16.72 ? 20  GLY A C   1 
ATOM   177 O  O   . GLY A 1 20 ? 6.101  3.875  6.776   1.00 18.06 ? 20  GLY A O   1 
ATOM   178 N  N   . ASN A 1 21 ? 8.000  4.987  6.279   1.00 20.02 ? 21  ASN A N   1 
ATOM   179 C  CA  . ASN A 1 21 ? 8.453  3.981  5.309   1.00 24.18 ? 21  ASN A CA  1 
ATOM   180 C  C   . ASN A 1 21 ? 8.932  2.733  6.051   1.00 28.07 ? 21  ASN A C   1 
ATOM   181 O  O   . ASN A 1 21 ? 8.830  1.610  5.536   1.00 36.57 ? 21  ASN A O   1 
ATOM   182 C  CB  . ASN A 1 21 ? 9.593  4.470  4.384   1.00 30.34 ? 21  ASN A CB  1 
ATOM   183 C  CG  . ASN A 1 21 ? 9.692  5.972  4.255   1.00 35.34 ? 21  ASN A CG  1 
ATOM   184 O  OD1 . ASN A 1 21 ? 10.561 6.593  4.881   1.00 49.44 ? 21  ASN A OD1 1 
ATOM   185 N  ND2 . ASN A 1 21 ? 8.822  6.568  3.445   1.00 39.69 ? 21  ASN A ND2 1 
ATOM   186 N  N   . ASN A 1 22 ? 9.457  2.955  7.256   1.00 28.17 ? 22  ASN A N   1 
ATOM   187 C  CA  . ASN A 1 22 ? 9.845  1.894  8.208   1.00 32.29 ? 22  ASN A CA  1 
ATOM   188 C  C   . ASN A 1 22 ? 10.957 0.988  7.682   1.00 35.69 ? 22  ASN A C   1 
ATOM   189 O  O   . ASN A 1 22 ? 11.956 1.503  7.170   1.00 38.53 ? 22  ASN A O   1 
ATOM   190 C  CB  . ASN A 1 22 ? 8.631  1.082  8.697   1.00 30.23 ? 22  ASN A CB  1 
ATOM   191 C  CG  . ASN A 1 22 ? 7.632  1.932  9.460   1.00 29.73 ? 22  ASN A CG  1 
ATOM   192 O  OD1 . ASN A 1 22 ? 6.431  1.905  9.196   1.00 36.02 ? 22  ASN A OD1 1 
ATOM   193 N  ND2 . ASN A 1 22 ? 8.130  2.707  10.392  1.00 25.61 ? 22  ASN A ND2 1 
ATOM   194 O  OXT . ASN A 1 22 ? 10.898 -0.243 7.778   1.00 40.25 ? 22  ASN A OXT 1 
HETATM 195 NA NA  . NA  B 2 .  ? 5.368  2.806  -2.245  1.00 43.61 ? 101 NA  A NA  1 
HETATM 196 NA NA  . NA  C 2 .  ? -1.420 4.992  -3.990  1.00 43.11 ? 102 NA  A NA  1 
HETATM 197 CL CL  . CL  D 3 .  ? -0.351 2.819  -4.314  1.00 53.66 ? 103 CL  A CL  1 
HETATM 198 O  O   . HOH E 4 .  ? -1.340 0.707  -6.033  1.00 25.89 ? 201 HOH A O   1 
HETATM 199 O  O   . HOH E 4 .  ? -1.805 4.690  -1.292  1.00 23.41 ? 202 HOH A O   1 
# 
loop_
_atom_site_anisotrop.id 
_atom_site_anisotrop.type_symbol 
_atom_site_anisotrop.pdbx_label_atom_id 
_atom_site_anisotrop.pdbx_label_alt_id 
_atom_site_anisotrop.pdbx_label_comp_id 
_atom_site_anisotrop.pdbx_label_asym_id 
_atom_site_anisotrop.pdbx_label_seq_id 
_atom_site_anisotrop.pdbx_PDB_ins_code 
_atom_site_anisotrop.U[1][1] 
_atom_site_anisotrop.U[2][2] 
_atom_site_anisotrop.U[3][3] 
_atom_site_anisotrop.U[1][2] 
_atom_site_anisotrop.U[1][3] 
_atom_site_anisotrop.U[2][3] 
_atom_site_anisotrop.pdbx_auth_seq_id 
_atom_site_anisotrop.pdbx_auth_comp_id 
_atom_site_anisotrop.pdbx_auth_asym_id 
_atom_site_anisotrop.pdbx_auth_atom_id 
1   N  N   . MET A 1  ? 0.3324 0.3373 0.3033 -0.0141 0.0388  0.0156  1   MET A N   
2   C  CA  . MET A 1  ? 0.2493 0.2771 0.3136 -0.0159 0.0140  0.0102  1   MET A CA  
3   C  C   . MET A 1  ? 0.2559 0.2138 0.2707 -0.0133 0.0191  0.0106  1   MET A C   
4   O  O   . MET A 1  ? 0.2680 0.2449 0.2432 -0.0324 -0.0172 0.0259  1   MET A O   
5   C  CB  . MET A 1  ? 0.3139 0.3439 0.3483 -0.0441 -0.0225 -0.0142 1   MET A CB  
6   C  CG  . MET A 1  ? 0.3685 0.3123 0.3531 -0.0473 0.0191  -0.0102 1   MET A CG  
7   S  SD  . MET A 1  ? 0.3507 0.3877 0.3762 -0.0327 0.0098  -0.0501 1   MET A SD  
8   C  CE  . MET A 1  ? 0.3487 0.4773 0.3907 -0.0139 0.0098  -0.0147 1   MET A CE  
9   N  N   . GLU A 2  ? 0.1906 0.1924 0.1879 0.0086  0.0278  -0.0165 2   GLU A N   
10  C  CA  . GLU A 2  ? 0.1966 0.1878 0.1739 0.0032  0.0211  -0.0110 2   GLU A CA  
11  C  C   . GLU A 2  ? 0.1593 0.1816 0.1672 0.0015  0.0081  -0.0056 2   GLU A C   
12  O  O   . GLU A 2  ? 0.1707 0.1973 0.1325 0.0036  0.0079  0.0102  2   GLU A O   
13  C  CB  . GLU A 2  ? 0.1993 0.1808 0.1744 0.0032  0.0132  -0.0186 2   GLU A CB  
14  C  CG  . GLU A 2  ? 0.2453 0.1828 0.1927 0.0142  -0.0121 -0.0098 2   GLU A CG  
15  C  CD  . GLU A 2  ? 0.2508 0.2102 0.2326 0.0285  -0.0130 -0.0283 2   GLU A CD  
16  O  OE1 . GLU A 2  ? 0.2483 0.3236 0.3235 0.0204  0.0368  -0.0059 2   GLU A OE1 
17  O  OE2 . GLU A 2  ? 0.3303 0.2928 0.2305 0.0216  -0.0269 0.0018  2   GLU A OE2 
18  N  N   . PHE A 3  ? 0.1632 0.1394 0.1518 0.0067  0.0089  -0.0123 3   PHE A N   
19  C  CA  . PHE A 3  ? 0.1392 0.1543 0.1568 0.0215  0.0046  0.0032  3   PHE A CA  
20  C  C   . PHE A 3  ? 0.1483 0.1620 0.1526 0.0035  -0.0005 -0.0138 3   PHE A C   
21  O  O   . PHE A 3  ? 0.1743 0.1754 0.1311 0.0073  0.0181  -0.0135 3   PHE A O   
22  C  CB  . PHE A 3  ? 0.1517 0.1822 0.1675 0.0102  -0.0155 0.0051  3   PHE A CB  
23  C  CG  . PHE A 3  ? 0.1864 0.2010 0.1920 0.0051  0.0088  -0.0189 3   PHE A CG  
24  C  CD1 . PHE A 3  ? 0.2139 0.2264 0.1845 0.0152  0.0005  0.0166  3   PHE A CD1 
25  C  CD2 . PHE A 3  ? 0.2463 0.2231 0.2166 -0.0054 0.0353  0.0004  3   PHE A CD2 
26  C  CE1 . PHE A 3  ? 0.2484 0.2462 0.1946 0.0286  0.0017  0.0004  3   PHE A CE1 
27  C  CE2 . PHE A 3  ? 0.2134 0.2461 0.2121 0.0071  -0.0026 -0.0081 3   PHE A CE2 
28  C  CZ  . PHE A 3  ? 0.2391 0.2433 0.2495 0.0316  0.0287  -0.0193 3   PHE A CZ  
29  N  N   . VAL A 4  ? 0.1841 0.1750 0.1475 0.0005  0.0036  -0.0087 4   VAL A N   
30  C  CA  . VAL A 4  ? 0.1916 0.1931 0.1469 0.0015  0.0137  -0.0153 4   VAL A CA  
31  C  C   . VAL A 4  ? 0.1713 0.1942 0.1566 0.0083  0.0159  -0.0231 4   VAL A C   
32  O  O   . VAL A 4  ? 0.2053 0.1809 0.1388 0.0070  0.0068  -0.0015 4   VAL A O   
33  C  CB  . VAL A 4  ? 0.2536 0.2048 0.1922 -0.0131 0.0071  -0.0017 4   VAL A CB  
34  C  CG1 . VAL A 4  ? 0.3282 0.2488 0.2061 0.0069  -0.0112 0.0011  4   VAL A CG1 
35  C  CG2 . VAL A 4  ? 0.2377 0.2452 0.2114 -0.0236 0.0544  -0.0186 4   VAL A CG2 
36  N  N   . ALA A 5  ? 0.1661 0.1837 0.1710 0.0107  0.0156  -0.0213 5   ALA A N   
37  C  CA  . ALA A 5  ? 0.1928 0.1823 0.1728 -0.0011 -0.0040 -0.0139 5   ALA A CA  
38  C  C   . ALA A 5  ? 0.1543 0.1835 0.1671 0.0064  0.0084  -0.0132 5   ALA A C   
39  O  O   . ALA A 5  ? 0.1765 0.1879 0.1608 0.0169  0.0001  -0.0206 5   ALA A O   
40  C  CB  . ALA A 5  ? 0.1953 0.2030 0.2127 -0.0111 0.0127  -0.0101 5   ALA A CB  
41  N  N   . LYS A 6  ? 0.1556 0.1680 0.1588 0.0018  0.0105  -0.0158 6   LYS A N   
42  C  CA  . LYS A 6  ? 0.1983 0.1837 0.1889 0.0064  0.0245  -0.0046 6   LYS A CA  
43  C  C   . LYS A 6  ? 0.1478 0.1564 0.1603 0.0006  -0.0027 -0.0056 6   LYS A C   
44  O  O   . LYS A 6  ? 0.1698 0.1485 0.1577 -0.0126 0.0000  0.0056  6   LYS A O   
45  C  CB  . LYS A 6  ? 0.2547 0.2039 0.2182 -0.0072 -0.0111 0.0112  6   LYS A CB  
46  C  CG  . LYS A 6  ? 0.3098 0.2960 0.2872 -0.0051 0.0359  0.0196  6   LYS A CG  
47  C  CD  . LYS A 6  ? 0.3772 0.3576 0.3220 0.0070  -0.0051 0.0386  6   LYS A CD  
48  C  CE  . LYS A 6  ? 0.3868 0.3547 0.2798 -0.0063 -0.0103 0.0366  6   LYS A CE  
49  N  NZ  . LYS A 6  ? 0.3921 0.3715 0.2725 0.0149  -0.0408 0.0206  6   LYS A NZ  
50  N  N   A LEU A 7  ? 0.1506 0.1551 0.1457 0.0029  0.0010  -0.0067 7   LEU A N   
51  N  N   B LEU A 7  ? 0.1584 0.1638 0.1582 -0.0041 -0.0001 -0.0034 7   LEU A N   
52  C  CA  A LEU A 7  ? 0.1459 0.1433 0.1590 0.0047  0.0057  -0.0133 7   LEU A CA  
53  C  CA  B LEU A 7  ? 0.1645 0.1635 0.1745 0.0097  0.0053  -0.0151 7   LEU A CA  
54  C  C   A LEU A 7  ? 0.1536 0.1444 0.1531 -0.0035 0.0093  -0.0027 7   LEU A C   
55  C  C   B LEU A 7  ? 0.1606 0.1474 0.1648 -0.0016 0.0128  -0.0025 7   LEU A C   
56  O  O   A LEU A 7  ? 0.1724 0.1576 0.1626 -0.0002 0.0221  -0.0092 7   LEU A O   
57  O  O   B LEU A 7  ? 0.1703 0.1680 0.1690 0.0043  0.0286  -0.0114 7   LEU A O   
58  C  CB  A LEU A 7  ? 0.1411 0.1679 0.1702 0.0009  -0.0011 0.0091  7   LEU A CB  
59  C  CB  B LEU A 7  ? 0.1891 0.1917 0.2235 -0.0120 0.0130  0.0091  7   LEU A CB  
60  C  CG  A LEU A 7  ? 0.1790 0.1582 0.1474 -0.0020 0.0089  -0.0044 7   LEU A CG  
61  C  CG  B LEU A 7  ? 0.2359 0.2327 0.2164 -0.0023 -0.0131 -0.0026 7   LEU A CG  
62  C  CD1 A LEU A 7  ? 0.1377 0.1832 0.1720 0.0133  -0.0111 0.0096  7   LEU A CD1 
63  C  CD1 B LEU A 7  ? 0.2405 0.2689 0.2729 -0.0135 -0.0004 0.0020  7   LEU A CD1 
64  C  CD2 A LEU A 7  ? 0.1602 0.1910 0.1628 -0.0062 -0.0008 0.0151  7   LEU A CD2 
65  C  CD2 B LEU A 7  ? 0.2020 0.2442 0.2351 0.0067  -0.0001 -0.0054 7   LEU A CD2 
66  N  N   . PHE A 8  ? 0.1398 0.1685 0.1418 0.0086  0.0086  -0.0089 8   PHE A N   
67  C  CA  . PHE A 8  ? 0.1566 0.1680 0.1332 0.0064  0.0123  -0.0144 8   PHE A CA  
68  C  C   . PHE A 8  ? 0.1717 0.1725 0.1430 -0.0017 0.0113  -0.0120 8   PHE A C   
69  O  O   . PHE A 8  ? 0.2054 0.1806 0.1466 -0.0016 0.0099  -0.0215 8   PHE A O   
70  C  CB  . PHE A 8  ? 0.1553 0.1656 0.1482 0.0048  -0.0126 0.0108  8   PHE A CB  
71  C  CG  . PHE A 8  ? 0.1729 0.1689 0.1478 -0.0006 -0.0024 0.0019  8   PHE A CG  
72  C  CD1 . PHE A 8  ? 0.1763 0.1758 0.1529 -0.0100 0.0009  0.0086  8   PHE A CD1 
73  C  CD2 . PHE A 8  ? 0.1732 0.1673 0.1954 0.0072  0.0060  0.0066  8   PHE A CD2 
74  C  CE1 . PHE A 8  ? 0.1936 0.1810 0.1807 -0.0240 0.0125  -0.0128 8   PHE A CE1 
75  C  CE2 . PHE A 8  ? 0.1949 0.1773 0.1840 0.0026  0.0184  0.0036  8   PHE A CE2 
76  C  CZ  . PHE A 8  ? 0.2018 0.1821 0.1631 -0.0304 0.0168  0.0017  8   PHE A CZ  
77  N  N   . LYS A 9  ? 0.1574 0.1667 0.1496 -0.0007 0.0094  -0.0027 9   LYS A N   
78  C  CA  . LYS A 9  ? 0.1505 0.1653 0.1645 0.0070  0.0089  -0.0066 9   LYS A CA  
79  C  C   . LYS A 9  ? 0.1485 0.1540 0.1514 0.0055  -0.0081 0.0056  9   LYS A C   
80  O  O   . LYS A 9  ? 0.1533 0.1735 0.1515 0.0086  0.0043  -0.0141 9   LYS A O   
81  C  CB  . LYS A 9  ? 0.1796 0.2020 0.1727 -0.0044 0.0140  -0.0166 9   LYS A CB  
82  C  CG  . LYS A 9  ? 0.2599 0.1711 0.2269 -0.0187 0.0044  -0.0060 9   LYS A CG  
83  C  CD  . LYS A 9  ? 0.2590 0.2646 0.2680 -0.0315 0.0494  -0.0243 9   LYS A CD  
84  C  CE  . LYS A 9  ? 0.3884 0.2779 0.3396 -0.0186 0.0047  0.0229  9   LYS A CE  
85  N  NZ  . LYS A 9  ? 0.3628 0.3676 0.3359 -0.0214 0.0054  0.0235  9   LYS A NZ  
86  N  N   . PHE A 10 ? 0.1524 0.1391 0.1346 0.0187  -0.0076 -0.0046 10  PHE A N   
87  C  CA  . PHE A 10 ? 0.1427 0.1425 0.1415 0.0099  0.0137  -0.0076 10  PHE A CA  
88  C  C   . PHE A 10 ? 0.1382 0.1371 0.1358 0.0038  -0.0070 -0.0047 10  PHE A C   
89  O  O   . PHE A 10 ? 0.1627 0.1314 0.1418 0.0014  -0.0140 -0.0010 10  PHE A O   
90  C  CB  . PHE A 10 ? 0.1677 0.1558 0.1369 0.0158  -0.0056 0.0035  10  PHE A CB  
91  C  CG  . PHE A 10 ? 0.1713 0.1694 0.1661 0.0251  -0.0108 -0.0055 10  PHE A CG  
92  C  CD1 . PHE A 10 ? 0.1939 0.1840 0.1959 0.0191  0.0105  0.0101  10  PHE A CD1 
93  C  CD2 . PHE A 10 ? 0.1871 0.1923 0.1861 0.0028  -0.0062 -0.0043 10  PHE A CD2 
94  C  CE1 . PHE A 10 ? 0.2143 0.1769 0.2067 0.0170  0.0047  0.0002  10  PHE A CE1 
95  C  CE2 . PHE A 10 ? 0.1959 0.2029 0.1807 0.0330  0.0002  0.0204  10  PHE A CE2 
96  C  CZ  . PHE A 10 ? 0.1660 0.1843 0.2190 0.0147  -0.0103 0.0010  10  PHE A CZ  
97  N  N   . PHE A 11 ? 0.1409 0.1374 0.1353 0.0105  -0.0061 -0.0006 11  PHE A N   
98  C  CA  . PHE A 11 ? 0.1414 0.1363 0.1409 0.0041  -0.0010 -0.0112 11  PHE A CA  
99  C  C   . PHE A 11 ? 0.1581 0.1545 0.1239 0.0079  -0.0050 0.0032  11  PHE A C   
100 O  O   . PHE A 11 ? 0.1819 0.1463 0.1253 0.0054  -0.0044 0.0010  11  PHE A O   
101 C  CB  . PHE A 11 ? 0.1535 0.1346 0.1450 0.0086  0.0016  0.0084  11  PHE A CB  
102 C  CG  . PHE A 11 ? 0.1495 0.1196 0.1234 -0.0004 0.0032  0.0153  11  PHE A CG  
103 C  CD1 . PHE A 11 ? 0.1635 0.1539 0.1397 0.0201  -0.0016 -0.0019 11  PHE A CD1 
104 C  CD2 . PHE A 11 ? 0.1503 0.1380 0.1422 0.0196  -0.0032 -0.0042 11  PHE A CD2 
105 C  CE1 . PHE A 11 ? 0.1698 0.1631 0.1559 0.0220  -0.0014 -0.0087 11  PHE A CE1 
106 C  CE2 . PHE A 11 ? 0.1531 0.1581 0.1253 0.0225  -0.0082 -0.0012 11  PHE A CE2 
107 C  CZ  . PHE A 11 ? 0.1277 0.1405 0.1432 0.0121  0.0003  0.0130  11  PHE A CZ  
108 N  N   . LYS A 12 ? 0.1729 0.1365 0.1331 0.0138  -0.0089 -0.0054 12  LYS A N   
109 C  CA  . LYS A 12 ? 0.1737 0.1913 0.1792 0.0075  -0.0139 -0.0024 12  LYS A CA  
110 C  C   . LYS A 12 ? 0.1647 0.1995 0.1911 0.0025  -0.0042 -0.0068 12  LYS A C   
111 O  O   . LYS A 12 ? 0.2088 0.2025 0.2152 0.0138  -0.0278 -0.0321 12  LYS A O   
112 C  CB  . LYS A 12 ? 0.2191 0.2593 0.2317 0.0270  0.0126  -0.0469 12  LYS A CB  
113 C  CG  . LYS A 12 ? 0.2953 0.3196 0.3014 0.0418  -0.0304 -0.0052 12  LYS A CG  
114 C  CD  . LYS A 12 ? 0.3534 0.2819 0.3688 0.0361  -0.0005 0.0024  12  LYS A CD  
115 C  CE  . LYS A 12 ? 0.3956 0.3957 0.3784 0.0171  0.0044  -0.0015 12  LYS A CE  
116 N  NZ  . LYS A 12 ? 0.4360 0.4113 0.4475 -0.0019 0.0115  0.0295  12  LYS A NZ  
117 N  N   . ASP A 13 ? 0.1762 0.1739 0.1818 0.0071  -0.0118 -0.0217 13  ASP A N   
118 C  CA  . ASP A 13 ? 0.1802 0.2057 0.2298 -0.0143 0.0117  0.0032  13  ASP A CA  
119 C  C   . ASP A 13 ? 0.1796 0.1845 0.2085 -0.0182 -0.0026 0.0034  13  ASP A C   
120 O  O   . ASP A 13 ? 0.2153 0.1989 0.1949 -0.0147 0.0083  -0.0243 13  ASP A O   
121 C  CB  . ASP A 13 ? 0.2340 0.2375 0.2362 -0.0422 0.0125  0.0162  13  ASP A CB  
122 C  CG  . ASP A 13 ? 0.3342 0.3519 0.3310 0.0199  0.0382  -0.0307 13  ASP A CG  
123 O  OD1 . ASP A 13 ? 0.3686 0.3843 0.3877 0.0431  0.0304  -0.0181 13  ASP A OD1 
124 O  OD2 . ASP A 13 ? 0.4239 0.4358 0.3236 0.0095  0.0481  -0.0761 13  ASP A OD2 
125 N  N   . LEU A 14 ? 0.1759 0.1536 0.1695 -0.0085 0.0049  -0.0031 14  LEU A N   
126 C  CA  . LEU A 14 ? 0.1933 0.1721 0.1735 0.0098  0.0021  -0.0008 14  LEU A CA  
127 C  C   . LEU A 14 ? 0.1755 0.1637 0.1820 -0.0079 -0.0110 -0.0062 14  LEU A C   
128 O  O   . LEU A 14 ? 0.1997 0.1672 0.1652 0.0083  -0.0233 -0.0112 14  LEU A O   
129 C  CB  . LEU A 14 ? 0.1991 0.2042 0.2127 0.0111  0.0018  -0.0004 14  LEU A CB  
130 C  CG  . LEU A 14 ? 0.2451 0.2504 0.2326 0.0286  0.0198  -0.0098 14  LEU A CG  
131 C  CD1 . LEU A 14 ? 0.2660 0.2565 0.2624 0.0131  0.0055  0.0027  14  LEU A CD1 
132 C  CD2 . LEU A 14 ? 0.2587 0.2602 0.2113 0.0211  -0.0106 0.0099  14  LEU A CD2 
133 N  N   . LEU A 15 ? 0.1641 0.1700 0.1710 -0.0193 -0.0088 -0.0019 15  LEU A N   
134 C  CA  . LEU A 15 ? 0.1759 0.1745 0.1752 -0.0044 -0.0176 -0.0030 15  LEU A CA  
135 C  C   . LEU A 15 ? 0.1638 0.1801 0.1634 -0.0027 0.0076  -0.0078 15  LEU A C   
136 O  O   . LEU A 15 ? 0.2068 0.1852 0.1732 -0.0174 -0.0010 -0.0163 15  LEU A O   
137 C  CB  . LEU A 15 ? 0.2243 0.1698 0.1939 -0.0255 0.0067  -0.0081 15  LEU A CB  
138 C  CG  . LEU A 15 ? 0.2087 0.2233 0.2208 0.0107  -0.0280 -0.0128 15  LEU A CG  
139 C  CD1 . LEU A 15 ? 0.2182 0.2461 0.2203 -0.0025 0.0113  0.0239  15  LEU A CD1 
140 C  CD2 . LEU A 15 ? 0.3007 0.2253 0.2910 -0.0249 -0.0171 0.0177  15  LEU A CD2 
141 N  N   . ALA A 16 ? 0.1634 0.1708 0.1723 0.0008  0.0113  -0.0247 16  ALA A N   
142 C  CA  . ALA A 16 ? 0.1597 0.1810 0.1527 0.0046  -0.0036 -0.0131 16  ALA A CA  
143 C  C   . ALA A 16 ? 0.1412 0.1779 0.1563 -0.0038 0.0068  0.0017  16  ALA A C   
144 O  O   . ALA A 16 ? 0.1588 0.1909 0.1904 -0.0152 -0.0107 -0.0048 16  ALA A O   
145 C  CB  . ALA A 16 ? 0.1484 0.1777 0.1651 -0.0028 0.0054  -0.0072 16  ALA A CB  
146 N  N   . LYS A 17 ? 0.1695 0.1593 0.1394 -0.0028 -0.0085 0.0117  17  LYS A N   
147 C  CA  . LYS A 17 ? 0.1792 0.1595 0.1798 -0.0073 -0.0033 -0.0102 17  LYS A CA  
148 C  C   . LYS A 17 ? 0.1472 0.1454 0.1734 -0.0019 -0.0019 0.0059  17  LYS A C   
149 O  O   . LYS A 17 ? 0.2100 0.1437 0.1645 -0.0046 -0.0150 0.0016  17  LYS A O   
150 C  CB  . LYS A 17 ? 0.2220 0.1741 0.2004 0.0094  -0.0265 0.0004  17  LYS A CB  
151 C  CG  . LYS A 17 ? 0.3107 0.2597 0.2082 0.0237  -0.0069 -0.0234 17  LYS A CG  
152 C  CD  . LYS A 17 ? 0.3557 0.3570 0.2823 0.0084  0.0279  -0.0012 17  LYS A CD  
153 C  CE  . LYS A 17 ? 0.4631 0.3927 0.3140 0.0157  0.0008  0.0295  17  LYS A CE  
154 N  NZ  . LYS A 17 ? 0.4823 0.3957 0.4332 0.0172  0.0078  0.0481  17  LYS A NZ  
155 N  N   . PHE A 18 ? 0.1699 0.1407 0.1648 -0.0080 -0.0048 0.0028  18  PHE A N   
156 C  CA  . PHE A 18 ? 0.1750 0.1445 0.1650 0.0027  0.0037  -0.0039 18  PHE A CA  
157 C  C   . PHE A 18 ? 0.1626 0.1637 0.1437 -0.0066 0.0128  0.0080  18  PHE A C   
158 O  O   . PHE A 18 ? 0.2163 0.1533 0.1476 -0.0133 0.0143  0.0078  18  PHE A O   
159 C  CB  . PHE A 18 ? 0.1851 0.1928 0.1817 -0.0050 0.0119  0.0076  18  PHE A CB  
160 C  CG  . PHE A 18 ? 0.1724 0.1857 0.2051 -0.0124 0.0004  -0.0035 18  PHE A CG  
161 C  CD1 . PHE A 18 ? 0.2006 0.2160 0.1944 -0.0004 0.0141  -0.0147 18  PHE A CD1 
162 C  CD2 . PHE A 18 ? 0.1993 0.2567 0.2050 0.0068  0.0032  -0.0234 18  PHE A CD2 
163 C  CE1 . PHE A 18 ? 0.1974 0.2505 0.2563 0.0199  0.0098  -0.0252 18  PHE A CE1 
164 C  CE2 . PHE A 18 ? 0.2203 0.2638 0.2029 0.0247  -0.0024 -0.0147 18  PHE A CE2 
165 C  CZ  . PHE A 18 ? 0.2203 0.2997 0.2604 0.0459  -0.0088 -0.0376 18  PHE A CZ  
166 N  N   . LEU A 19 ? 0.1558 0.1660 0.1358 0.0026  -0.0094 -0.0029 19  LEU A N   
167 C  CA  . LEU A 19 ? 0.1651 0.1695 0.1681 0.0185  -0.0054 0.0005  19  LEU A CA  
168 C  C   . LEU A 19 ? 0.1681 0.1698 0.1652 0.0143  -0.0038 -0.0157 19  LEU A C   
169 O  O   . LEU A 19 ? 0.1791 0.2260 0.1995 0.0376  -0.0113 0.0075  19  LEU A O   
170 C  CB  . LEU A 19 ? 0.2053 0.1773 0.1880 0.0040  0.0005  0.0157  19  LEU A CB  
171 C  CG  . LEU A 19 ? 0.1993 0.1819 0.2378 -0.0174 -0.0007 0.0111  19  LEU A CG  
172 C  CD1 . LEU A 19 ? 0.2494 0.1827 0.2358 -0.0020 0.0040  0.0167  19  LEU A CD1 
173 C  CD2 . LEU A 19 ? 0.2385 0.2564 0.2297 -0.0020 -0.0008 0.0063  19  LEU A CD2 
174 N  N   . GLY A 20 ? 0.1768 0.1906 0.1732 0.0129  0.0002  0.0008  20  GLY A N   
175 C  CA  . GLY A 20 ? 0.1867 0.1885 0.1887 0.0205  0.0070  0.0191  20  GLY A CA  
176 C  C   . GLY A 20 ? 0.2296 0.2155 0.1899 0.0190  -0.0018 -0.0092 20  GLY A C   
177 O  O   . GLY A 20 ? 0.2545 0.2169 0.2145 0.0186  0.0019  0.0149  20  GLY A O   
178 N  N   . ASN A 21 ? 0.2689 0.2301 0.2615 -0.0035 0.0242  0.0080  21  ASN A N   
179 C  CA  . ASN A 21 ? 0.3440 0.2979 0.2765 0.0434  0.0110  -0.0265 21  ASN A CA  
180 C  C   . ASN A 21 ? 0.3744 0.3563 0.3356 0.0143  -0.0310 0.0375  21  ASN A C   
181 O  O   . ASN A 21 ? 0.5916 0.3958 0.4017 0.0654  -0.0431 -0.0323 21  ASN A O   
182 C  CB  . ASN A 21 ? 0.4128 0.4113 0.3285 0.0316  0.0494  0.0229  21  ASN A CB  
183 C  CG  . ASN A 21 ? 0.4685 0.4375 0.4366 0.0200  0.0326  0.0076  21  ASN A CG  
184 O  OD1 . ASN A 21 ? 0.6092 0.6349 0.6342 -0.0611 -0.0153 -0.0996 21  ASN A OD1 
185 N  ND2 . ASN A 21 ? 0.4977 0.7019 0.3085 0.0802  0.0845  0.0751  21  ASN A ND2 
186 N  N   . ASN A 22 ? 0.3476 0.3793 0.3432 0.0197  -0.0242 -0.0108 22  ASN A N   
187 C  CA  . ASN A 22 ? 0.4394 0.3767 0.4106 0.0222  -0.0053 0.0235  22  ASN A CA  
188 C  C   . ASN A 22 ? 0.5285 0.4201 0.4074 0.0259  0.0167  -0.0762 22  ASN A C   
189 O  O   . ASN A 22 ? 0.5667 0.5024 0.3946 0.0137  0.0395  -0.0624 22  ASN A O   
190 C  CB  . ASN A 22 ? 0.4985 0.3475 0.3024 0.0168  0.0223  0.0406  22  ASN A CB  
191 C  CG  . ASN A 22 ? 0.4405 0.3994 0.2895 -0.0133 0.0043  0.0123  22  ASN A CG  
192 O  OD1 . ASN A 22 ? 0.4233 0.5768 0.3683 0.0443  0.0495  0.0040  22  ASN A OD1 
193 N  ND2 . ASN A 22 ? 0.3367 0.4079 0.2281 0.0710  0.0663  -0.0457 22  ASN A ND2 
194 O  OXT . ASN A 22 ? 0.5953 0.4135 0.5202 0.0160  -0.0068 -0.0080 22  ASN A OXT 
195 NA NA  . NA  B .  ? 0.4704 0.7531 0.4334 -0.1810 0.0603  0.0466  101 NA  A NA  
196 NA NA  . NA  C .  ? 0.5624 0.5659 0.5094 -0.1216 0.1541  -0.0405 102 NA  A NA  
197 CL CL  . CL  D .  ? 0.7269 0.6856 0.6263 -0.0943 0.1133  0.2109  103 CL  A CL  
198 O  O   . HOH E .  ? 0.3768 0.2697 0.3369 -0.1013 0.0115  0.0999  201 HOH A O   
199 O  O   . HOH E .  ? 0.3216 0.2519 0.3158 -0.0244 -0.0402 0.0551  202 HOH A O   
# 
